data_7AIT
#
_entry.id   7AIT
#
_cell.length_a   92.420
_cell.length_b   106.850
_cell.length_c   151.510
_cell.angle_alpha   90.000
_cell.angle_beta   90.000
_cell.angle_gamma   90.000
#
_symmetry.space_group_name_H-M   'P 21 21 21'
#
loop_
_entity.id
_entity.type
_entity.pdbx_description
1 polymer Acetylcholinesterase
2 non-polymer 7-[(3-Chloro-6,7,10,11-tetrahydro-9-methyl-7,11-methanocycloocta[b]quinolin-12-yl)amino]-N-(4-hydroxy-3-methoxybenzyl)heptanamide
3 water water
#
_entity_poly.entity_id   1
_entity_poly.type   'polypeptide(L)'
_entity_poly.pdbx_seq_one_letter_code
;MNLLVTSSLGVLLHLVVLCQADDHSELLVNTKSGKVMGTRVPVLSSHISAFLGIPFAEPPVGNMRFRRPEPKKPWSGVWN
ASTYPNNCQQYVDEQFPGFSGSEMWNPNREMSEDCLYLNIWVPSPRPKSTTVMVWIYGGGFYSGSSTLDVYNGKYLAYTE
EVVLVSLSYRVGAFGFLALHGSQEAPGNVGLLDQRMALQWVHDNIQFFGGDPKTVTIFGESAGGASVGMHILSPGSRDLF
RRAILQSGSPNCPWASVSVAEGRRRAVELGRNLNCNLNSDEELIHCLREKKPQELIDVEWNVLPFDSIFRFSFVPVIDGE
FFPTSLESMLNSGNFKKTQILLGVNKDEGSFFLLYGAPGFSKDSESKISREDFMSGVKLSVPHANDLGLDAVTLQYTDWM
DDNNGIKNRDGLDDIVGDHNVICPLMHFVNKYTKFGNGTYLYFFNHRASNLVWPEWMGVIHGYEIEFVFGLPLVKELNYT
AEEEALSRRIMHYWATFAKTGNPNEPHSQESKWPLFTTKEQKFIDLNTEPMKVHQRLRVQMCVFWNQFLPKLLNATACDG
ELSSSGTSSSKGIIFYVLFSILYLIF
;
_entity_poly.pdbx_strand_id   A,B
#
# COMPACT_ATOMS: atom_id res chain seq x y z
N SER A 25 32.94 20.28 15.52
CA SER A 25 34.22 20.08 14.84
C SER A 25 34.50 18.59 14.68
N GLU A 26 35.07 18.00 15.73
CA GLU A 26 35.17 16.56 15.78
C GLU A 26 33.81 15.90 15.92
N LEU A 27 32.87 16.59 16.59
CA LEU A 27 31.54 16.07 16.87
C LEU A 27 30.51 16.52 15.86
N LEU A 28 30.88 17.38 14.91
CA LEU A 28 29.96 17.95 13.92
C LEU A 28 30.37 17.39 12.57
N VAL A 29 29.51 16.58 11.98
CA VAL A 29 29.83 15.89 10.73
C VAL A 29 28.72 16.17 9.73
N ASN A 30 29.12 16.51 8.51
CA ASN A 30 28.17 16.72 7.42
C ASN A 30 28.09 15.45 6.61
N THR A 31 26.90 14.86 6.57
CA THR A 31 26.68 13.66 5.79
C THR A 31 25.93 14.04 4.53
N LYS A 32 25.80 13.07 3.63
CA LYS A 32 25.04 13.33 2.42
C LYS A 32 23.57 13.61 2.69
N SER A 33 23.08 13.34 3.89
CA SER A 33 21.68 13.58 4.23
C SER A 33 21.47 14.79 5.13
N GLY A 34 22.54 15.40 5.62
CA GLY A 34 22.41 16.51 6.52
C GLY A 34 23.47 16.46 7.61
N LYS A 35 23.53 17.49 8.42
CA LYS A 35 24.52 17.56 9.49
C LYS A 35 24.07 16.78 10.72
N VAL A 36 25.05 16.21 11.42
CA VAL A 36 24.84 15.45 12.65
CA VAL A 36 24.81 15.47 12.66
C VAL A 36 25.79 15.96 13.71
N MET A 37 25.31 16.08 14.94
CA MET A 37 26.12 16.46 16.10
C MET A 37 26.23 15.28 17.04
N GLY A 38 27.43 14.70 17.14
CA GLY A 38 27.71 13.63 18.08
C GLY A 38 27.93 14.15 19.49
N THR A 39 28.62 13.33 20.29
CA THR A 39 28.87 13.62 21.69
C THR A 39 30.14 12.91 22.13
N ARG A 40 30.85 13.50 23.09
CA ARG A 40 32.12 12.96 23.55
CA ARG A 40 32.12 12.96 23.55
C ARG A 40 31.86 12.09 24.77
N VAL A 41 32.18 10.80 24.67
CA VAL A 41 31.86 9.91 25.79
C VAL A 41 33.13 9.36 26.43
N PRO A 42 33.12 9.09 27.73
CA PRO A 42 34.27 8.46 28.36
C PRO A 42 34.32 6.97 28.06
N VAL A 43 35.55 6.47 27.97
CA VAL A 43 35.79 5.03 27.81
C VAL A 43 37.08 4.70 28.53
N LEU A 44 36.99 3.88 29.56
CA LEU A 44 38.14 3.51 30.37
C LEU A 44 38.83 4.76 30.90
N SER A 45 40.09 4.99 30.53
CA SER A 45 40.79 6.19 30.98
C SER A 45 40.75 7.33 29.99
N SER A 46 39.95 7.24 28.92
CA SER A 46 40.07 8.15 27.79
C SER A 46 38.67 8.61 27.37
N HIS A 47 38.55 9.04 26.12
CA HIS A 47 37.28 9.47 25.54
C HIS A 47 37.24 9.08 24.06
N ILE A 48 36.02 8.98 23.53
CA ILE A 48 35.80 8.64 22.14
C ILE A 48 34.56 9.41 21.68
N SER A 49 34.35 9.49 20.36
CA SER A 49 33.18 10.17 19.82
C SER A 49 32.04 9.18 19.58
N ALA A 50 30.82 9.58 19.94
CA ALA A 50 29.64 8.76 19.69
C ALA A 50 28.56 9.55 18.96
N PHE A 51 28.03 8.95 17.90
CA PHE A 51 26.93 9.52 17.12
C PHE A 51 25.78 8.54 17.23
N LEU A 52 24.82 8.85 18.10
CA LEU A 52 23.79 7.89 18.49
C LEU A 52 22.48 8.26 17.82
N GLY A 53 21.81 7.28 17.23
CA GLY A 53 20.48 7.48 16.67
C GLY A 53 20.42 8.25 15.37
N ILE A 54 21.33 8.01 14.44
CA ILE A 54 21.27 8.66 13.13
C ILE A 54 20.24 7.95 12.26
N PRO A 55 19.29 8.67 11.66
CA PRO A 55 18.30 8.00 10.80
C PRO A 55 18.88 7.59 9.47
N PHE A 56 18.55 6.37 9.03
CA PHE A 56 18.97 5.94 7.70
C PHE A 56 17.80 5.60 6.81
N ALA A 57 16.58 5.64 7.32
CA ALA A 57 15.41 5.31 6.53
C ALA A 57 14.28 6.24 6.92
N GLU A 58 13.30 6.36 6.04
CA GLU A 58 12.06 7.03 6.44
C GLU A 58 11.34 6.14 7.44
N PRO A 59 10.71 6.72 8.47
CA PRO A 59 9.96 5.92 9.44
C PRO A 59 8.96 5.02 8.74
N PRO A 60 9.04 3.69 8.95
CA PRO A 60 8.15 2.75 8.25
C PRO A 60 6.80 2.61 8.94
N VAL A 61 6.06 3.73 9.03
CA VAL A 61 4.86 3.79 9.86
C VAL A 61 3.63 4.00 8.97
N GLY A 62 2.47 3.73 9.54
CA GLY A 62 1.22 3.99 8.83
C GLY A 62 1.09 3.11 7.61
N ASN A 63 0.85 3.73 6.45
CA ASN A 63 0.78 2.97 5.21
C ASN A 63 2.10 2.37 4.79
N MET A 64 3.20 2.68 5.48
CA MET A 64 4.48 2.10 5.15
CA MET A 64 4.50 2.12 5.18
C MET A 64 4.81 0.87 5.98
N ARG A 65 3.94 0.48 6.90
CA ARG A 65 4.11 -0.78 7.63
C ARG A 65 4.09 -1.95 6.65
N PHE A 66 5.04 -2.87 6.80
CA PHE A 66 5.29 -4.09 6.02
C PHE A 66 5.96 -3.78 4.68
N ARG A 67 6.14 -2.52 4.30
CA ARG A 67 6.74 -2.17 3.02
C ARG A 67 8.27 -2.13 3.11
N ARG A 68 8.90 -2.28 1.95
CA ARG A 68 10.33 -2.05 1.81
C ARG A 68 10.69 -0.68 2.36
N PRO A 69 11.87 -0.52 2.94
CA PRO A 69 12.25 0.80 3.47
C PRO A 69 12.56 1.75 2.33
N GLU A 70 12.42 3.06 2.62
CA GLU A 70 12.76 4.14 1.70
C GLU A 70 13.87 4.99 2.31
N PRO A 71 14.82 5.49 1.51
CA PRO A 71 15.92 6.27 2.08
C PRO A 71 15.40 7.45 2.87
N LYS A 72 16.12 7.81 3.94
CA LYS A 72 15.75 8.96 4.74
C LYS A 72 15.94 10.23 3.94
N LYS A 73 14.87 11.03 3.85
CA LYS A 73 14.96 12.30 3.12
C LYS A 73 15.87 13.28 3.84
N PRO A 74 16.69 14.04 3.13
CA PRO A 74 17.62 14.96 3.79
C PRO A 74 16.91 16.01 4.63
N TRP A 75 17.53 16.38 5.74
CA TRP A 75 17.01 17.34 6.70
C TRP A 75 17.91 18.56 6.73
N SER A 76 17.34 19.72 7.03
CA SER A 76 18.20 20.87 7.27
C SER A 76 18.48 20.97 8.76
N GLY A 77 19.43 21.82 9.11
CA GLY A 77 19.78 21.90 10.52
C GLY A 77 20.63 20.72 10.96
N VAL A 78 20.86 20.66 12.26
CA VAL A 78 21.80 19.73 12.88
C VAL A 78 21.01 18.66 13.61
N TRP A 79 21.15 17.40 13.17
CA TRP A 79 20.55 16.28 13.88
C TRP A 79 21.27 16.05 15.19
N ASN A 80 20.54 16.13 16.30
CA ASN A 80 21.11 15.84 17.61
C ASN A 80 21.32 14.33 17.74
N ALA A 81 22.56 13.87 17.65
CA ALA A 81 22.91 12.46 17.74
C ALA A 81 23.63 12.17 19.04
N SER A 82 23.13 12.71 20.14
CA SER A 82 23.73 12.50 21.45
C SER A 82 23.01 11.43 22.25
N THR A 83 21.97 10.82 21.70
CA THR A 83 21.00 10.04 22.47
C THR A 83 20.61 8.79 21.70
N TYR A 84 20.59 7.64 22.37
CA TYR A 84 20.12 6.40 21.75
C TYR A 84 18.71 6.59 21.19
N PRO A 85 18.38 5.97 20.06
CA PRO A 85 17.03 6.08 19.49
C PRO A 85 16.06 5.10 20.15
N ASN A 86 14.81 5.15 19.69
CA ASN A 86 13.82 4.15 20.06
C ASN A 86 14.26 2.77 19.58
N ASN A 87 13.68 1.73 20.20
CA ASN A 87 13.85 0.35 19.75
C ASN A 87 12.61 -0.05 18.96
N CYS A 88 12.78 -1.03 18.07
CA CYS A 88 11.66 -1.47 17.24
C CYS A 88 10.64 -2.22 18.11
N GLN A 89 9.41 -2.29 17.61
CA GLN A 89 8.34 -2.96 18.34
C GLN A 89 8.60 -4.47 18.37
N GLN A 90 8.48 -5.06 19.56
CA GLN A 90 8.85 -6.45 19.75
C GLN A 90 8.20 -7.03 21.00
N TYR A 91 8.06 -8.35 20.99
CA TYR A 91 7.76 -9.10 22.19
C TYR A 91 8.77 -8.77 23.29
N VAL A 92 8.28 -8.60 24.51
CA VAL A 92 9.12 -8.30 25.67
C VAL A 92 9.03 -9.46 26.65
N ASP A 93 10.18 -10.02 27.03
CA ASP A 93 10.23 -11.16 27.94
C ASP A 93 9.91 -10.72 29.37
N GLU A 94 8.91 -11.34 30.00
CA GLU A 94 8.54 -11.07 31.39
CA GLU A 94 8.63 -11.05 31.41
C GLU A 94 8.66 -12.31 32.27
N GLN A 95 9.37 -13.34 31.82
CA GLN A 95 9.45 -14.59 32.56
C GLN A 95 10.05 -14.38 33.94
N PHE A 96 11.14 -13.63 34.02
CA PHE A 96 11.87 -13.37 35.27
C PHE A 96 11.96 -11.86 35.48
N PRO A 97 10.88 -11.23 35.93
CA PRO A 97 10.89 -9.76 36.05
C PRO A 97 11.97 -9.28 37.01
N GLY A 98 12.75 -8.29 36.57
CA GLY A 98 13.83 -7.73 37.37
C GLY A 98 15.13 -8.52 37.34
N PHE A 99 15.14 -9.74 36.80
CA PHE A 99 16.34 -10.57 36.77
C PHE A 99 17.29 -10.05 35.70
N SER A 100 18.52 -9.71 36.10
CA SER A 100 19.42 -9.04 35.16
C SER A 100 19.76 -9.93 33.99
N GLY A 101 19.72 -11.26 34.18
CA GLY A 101 20.16 -12.17 33.14
C GLY A 101 19.23 -12.21 31.95
N SER A 102 17.95 -11.94 32.17
CA SER A 102 17.01 -11.83 31.07
C SER A 102 16.73 -10.37 30.69
N GLU A 103 16.72 -9.45 31.67
CA GLU A 103 16.41 -8.06 31.34
C GLU A 103 17.47 -7.43 30.44
N MET A 104 18.73 -7.87 30.54
CA MET A 104 19.81 -7.33 29.71
C MET A 104 19.53 -7.48 28.22
N TRP A 105 18.54 -8.29 27.82
CA TRP A 105 18.20 -8.50 26.42
C TRP A 105 16.95 -7.73 26.00
N ASN A 106 16.18 -7.21 26.95
CA ASN A 106 14.95 -6.49 26.64
C ASN A 106 15.25 -5.07 26.15
N PRO A 107 14.34 -4.47 25.41
CA PRO A 107 14.50 -3.06 25.02
C PRO A 107 14.76 -2.18 26.24
N ASN A 108 15.81 -1.36 26.16
CA ASN A 108 16.12 -0.42 27.22
C ASN A 108 15.76 1.01 26.82
N ARG A 109 14.97 1.16 25.76
CA ARG A 109 14.46 2.43 25.30
CA ARG A 109 14.46 2.43 25.29
C ARG A 109 12.99 2.24 24.93
N GLU A 110 12.29 3.35 24.72
CA GLU A 110 10.90 3.26 24.27
C GLU A 110 10.83 2.51 22.93
N MET A 111 9.79 1.69 22.78
CA MET A 111 9.55 0.98 21.53
C MET A 111 8.70 1.80 20.59
N SER A 112 9.06 1.77 19.31
CA SER A 112 8.35 2.55 18.30
C SER A 112 8.59 1.93 16.94
N GLU A 113 7.57 2.01 16.08
CA GLU A 113 7.77 1.65 14.69
C GLU A 113 8.74 2.62 14.01
N ASP A 114 8.91 3.82 14.57
CA ASP A 114 9.94 4.78 14.15
C ASP A 114 11.24 4.36 14.81
N CYS A 115 11.92 3.37 14.20
CA CYS A 115 13.07 2.78 14.88
C CYS A 115 14.27 2.53 13.98
N LEU A 116 14.29 3.05 12.75
CA LEU A 116 15.36 2.71 11.81
C LEU A 116 16.48 3.73 11.94
N TYR A 117 17.38 3.47 12.89
CA TYR A 117 18.48 4.36 13.23
C TYR A 117 19.75 3.52 13.37
N LEU A 118 20.90 4.19 13.27
CA LEU A 118 22.17 3.51 13.50
C LEU A 118 23.03 4.36 14.42
N ASN A 119 24.04 3.72 15.03
CA ASN A 119 24.91 4.35 16.01
C ASN A 119 26.35 4.17 15.58
N ILE A 120 27.18 5.20 15.78
CA ILE A 120 28.58 5.16 15.37
C ILE A 120 29.48 5.58 16.54
N TRP A 121 30.52 4.78 16.80
CA TRP A 121 31.60 5.15 17.70
C TRP A 121 32.88 5.33 16.88
N VAL A 122 33.50 6.51 17.00
CA VAL A 122 34.65 6.89 16.20
C VAL A 122 35.81 7.21 17.13
N PRO A 123 36.98 6.59 16.96
CA PRO A 123 38.12 6.92 17.83
C PRO A 123 38.45 8.41 17.81
N SER A 124 38.95 8.90 18.94
CA SER A 124 39.38 10.29 19.09
C SER A 124 40.90 10.35 19.33
N PRO A 125 41.63 11.05 18.45
CA PRO A 125 41.09 11.86 17.33
C PRO A 125 40.62 11.03 16.11
N ARG A 126 39.81 11.64 15.27
CA ARG A 126 39.22 10.93 14.13
C ARG A 126 40.30 10.37 13.21
N PRO A 127 40.28 9.08 12.90
CA PRO A 127 41.26 8.52 11.96
C PRO A 127 41.01 9.02 10.55
N LYS A 128 41.96 8.72 9.67
CA LYS A 128 41.86 9.16 8.28
C LYS A 128 40.89 8.27 7.50
N SER A 129 41.18 6.97 7.40
CA SER A 129 40.21 6.04 6.83
C SER A 129 40.57 4.64 7.38
N THR A 130 39.91 4.27 8.47
CA THR A 130 40.23 3.04 9.18
C THR A 130 39.14 1.99 8.96
N THR A 131 39.41 0.79 9.45
CA THR A 131 38.49 -0.35 9.31
C THR A 131 37.17 -0.08 10.01
N VAL A 132 36.07 -0.47 9.35
CA VAL A 132 34.70 -0.33 9.84
C VAL A 132 34.15 -1.72 10.19
N MET A 133 33.48 -1.82 11.34
CA MET A 133 32.75 -3.02 11.71
C MET A 133 31.29 -2.64 11.97
N VAL A 134 30.38 -3.37 11.35
CA VAL A 134 28.94 -3.09 11.45
C VAL A 134 28.28 -4.26 12.18
N TRP A 135 27.72 -3.97 13.34
CA TRP A 135 27.08 -4.98 14.17
C TRP A 135 25.61 -5.12 13.81
N ILE A 136 25.16 -6.37 13.69
CA ILE A 136 23.77 -6.70 13.38
C ILE A 136 23.24 -7.57 14.52
N TYR A 137 22.33 -7.02 15.35
CA TYR A 137 21.88 -7.76 16.52
C TYR A 137 21.06 -8.99 16.13
N GLY A 138 21.09 -9.99 17.00
CA GLY A 138 20.26 -11.16 16.86
C GLY A 138 18.99 -11.05 17.67
N GLY A 139 18.38 -12.20 17.93
CA GLY A 139 17.10 -12.27 18.61
C GLY A 139 16.02 -13.01 17.85
N GLY A 140 16.41 -14.02 17.04
CA GLY A 140 15.44 -14.87 16.37
C GLY A 140 14.58 -14.21 15.31
N PHE A 141 14.95 -13.01 14.86
CA PHE A 141 14.16 -12.16 13.96
C PHE A 141 12.87 -11.65 14.60
N TYR A 142 12.65 -11.90 15.90
CA TYR A 142 11.48 -11.36 16.60
C TYR A 142 11.84 -10.35 17.67
N SER A 143 13.12 -10.19 17.99
CA SER A 143 13.54 -9.27 19.03
C SER A 143 14.95 -8.78 18.72
N GLY A 144 15.41 -7.84 19.54
CA GLY A 144 16.75 -7.28 19.41
C GLY A 144 16.70 -5.76 19.40
N SER A 145 17.75 -5.14 19.92
CA SER A 145 17.88 -3.70 19.98
C SER A 145 19.36 -3.37 19.81
N SER A 146 19.65 -2.26 19.11
CA SER A 146 21.02 -1.78 18.93
C SER A 146 21.57 -1.14 20.20
N THR A 147 20.71 -0.85 21.18
CA THR A 147 21.06 0.01 22.29
C THR A 147 21.37 -0.74 23.58
N LEU A 148 21.33 -2.08 23.55
CA LEU A 148 21.65 -2.88 24.72
C LEU A 148 23.04 -2.54 25.26
N ASP A 149 23.16 -2.59 26.59
CA ASP A 149 24.45 -2.42 27.25
C ASP A 149 25.54 -3.29 26.62
N VAL A 150 25.22 -4.56 26.35
CA VAL A 150 26.22 -5.52 25.86
C VAL A 150 26.65 -5.22 24.43
N TYR A 151 25.94 -4.35 23.71
CA TYR A 151 26.37 -3.92 22.38
C TYR A 151 26.97 -2.52 22.38
N ASN A 152 27.32 -1.98 23.54
CA ASN A 152 27.97 -0.67 23.58
C ASN A 152 29.31 -0.73 22.88
N GLY A 153 29.44 0.03 21.78
CA GLY A 153 30.60 -0.09 20.92
C GLY A 153 31.86 0.65 21.31
N LYS A 154 31.86 1.37 22.43
CA LYS A 154 32.98 2.27 22.71
C LYS A 154 34.26 1.49 23.02
N TYR A 155 34.16 0.34 23.67
CA TYR A 155 35.36 -0.39 24.08
C TYR A 155 36.09 -0.97 22.87
N LEU A 156 35.34 -1.57 21.95
CA LEU A 156 35.95 -2.13 20.75
C LEU A 156 36.51 -1.03 19.86
N ALA A 157 35.74 0.05 19.65
CA ALA A 157 36.24 1.15 18.85
C ALA A 157 37.48 1.78 19.49
N TYR A 158 37.46 1.99 20.80
CA TYR A 158 38.62 2.56 21.46
C TYR A 158 39.83 1.64 21.40
N THR A 159 39.66 0.39 21.85
CA THR A 159 40.79 -0.50 22.03
C THR A 159 41.39 -0.90 20.70
N GLU A 160 40.57 -1.16 19.69
CA GLU A 160 41.08 -1.63 18.42
C GLU A 160 41.14 -0.55 17.35
N GLU A 161 40.75 0.69 17.67
CA GLU A 161 40.88 1.81 16.73
CA GLU A 161 40.84 1.82 16.75
C GLU A 161 40.16 1.51 15.42
N VAL A 162 38.91 1.09 15.54
CA VAL A 162 38.04 0.86 14.39
C VAL A 162 36.85 1.79 14.54
N VAL A 163 36.16 2.02 13.42
CA VAL A 163 34.89 2.73 13.45
C VAL A 163 33.81 1.67 13.60
N LEU A 164 33.09 1.70 14.71
CA LEU A 164 32.10 0.69 15.04
C LEU A 164 30.70 1.25 14.81
N VAL A 165 29.93 0.58 13.96
CA VAL A 165 28.55 0.93 13.66
C VAL A 165 27.63 -0.17 14.21
N SER A 166 26.49 0.22 14.77
CA SER A 166 25.41 -0.75 15.01
C SER A 166 24.15 -0.26 14.29
N LEU A 167 23.58 -1.12 13.45
CA LEU A 167 22.37 -0.76 12.73
C LEU A 167 21.15 -1.28 13.49
N SER A 168 19.96 -1.05 12.92
CA SER A 168 18.74 -1.65 13.43
C SER A 168 17.93 -2.11 12.23
N TYR A 169 16.91 -2.92 12.51
CA TYR A 169 16.03 -3.43 11.47
C TYR A 169 14.73 -3.88 12.13
N ARG A 170 13.64 -3.81 11.36
CA ARG A 170 12.35 -4.26 11.87
C ARG A 170 12.36 -5.76 12.15
N VAL A 171 11.74 -6.16 13.26
CA VAL A 171 11.63 -7.56 13.63
C VAL A 171 10.15 -7.93 13.70
N GLY A 172 9.89 -9.22 13.92
CA GLY A 172 8.55 -9.75 14.00
C GLY A 172 7.81 -9.55 12.70
N ALA A 173 6.48 -9.50 12.79
CA ALA A 173 5.69 -9.26 11.58
C ALA A 173 6.04 -7.94 10.91
N PHE A 174 6.49 -6.95 11.68
CA PHE A 174 6.84 -5.65 11.09
C PHE A 174 7.98 -5.80 10.09
N GLY A 175 8.88 -6.75 10.33
CA GLY A 175 10.02 -6.93 9.46
C GLY A 175 9.88 -8.07 8.48
N PHE A 176 9.03 -9.06 8.77
CA PHE A 176 9.10 -10.28 8.00
C PHE A 176 7.76 -10.93 7.66
N LEU A 177 6.64 -10.27 7.94
CA LEU A 177 5.39 -10.72 7.34
C LEU A 177 5.54 -10.78 5.83
N ALA A 178 5.19 -11.92 5.24
CA ALA A 178 5.49 -12.17 3.83
C ALA A 178 4.25 -12.65 3.09
N LEU A 179 3.72 -11.78 2.22
CA LEU A 179 2.66 -12.14 1.28
C LEU A 179 3.23 -12.04 -0.13
N HIS A 180 3.94 -13.08 -0.56
CA HIS A 180 4.68 -13.03 -1.82
C HIS A 180 3.75 -12.79 -3.00
N GLY A 181 4.16 -11.90 -3.89
CA GLY A 181 3.33 -11.39 -4.96
C GLY A 181 2.77 -10.02 -4.67
N SER A 182 2.60 -9.67 -3.40
CA SER A 182 2.21 -8.32 -3.01
C SER A 182 3.44 -7.44 -2.89
N GLN A 183 3.37 -6.25 -3.44
CA GLN A 183 4.46 -5.31 -3.20
C GLN A 183 4.21 -4.45 -1.97
N GLU A 184 3.08 -4.66 -1.28
CA GLU A 184 2.79 -3.94 -0.05
C GLU A 184 3.29 -4.68 1.19
N ALA A 185 3.37 -6.01 1.13
CA ALA A 185 4.00 -6.80 2.20
C ALA A 185 4.77 -7.94 1.53
N PRO A 186 5.89 -7.62 0.86
CA PRO A 186 6.59 -8.66 0.07
C PRO A 186 7.36 -9.67 0.90
N GLY A 187 7.67 -9.37 2.15
CA GLY A 187 8.60 -10.18 2.92
C GLY A 187 10.01 -9.61 2.89
N ASN A 188 10.83 -10.07 3.83
CA ASN A 188 12.25 -9.74 3.94
C ASN A 188 12.54 -8.25 4.17
N VAL A 189 11.54 -7.42 4.51
CA VAL A 189 11.86 -5.99 4.55
C VAL A 189 12.83 -5.67 5.70
N GLY A 190 12.85 -6.48 6.75
CA GLY A 190 13.89 -6.32 7.78
C GLY A 190 15.29 -6.53 7.24
N LEU A 191 15.47 -7.49 6.33
CA LEU A 191 16.77 -7.64 5.68
C LEU A 191 17.09 -6.44 4.79
N LEU A 192 16.07 -5.90 4.12
CA LEU A 192 16.28 -4.70 3.33
C LEU A 192 16.55 -3.48 4.22
N ASP A 193 16.00 -3.44 5.44
CA ASP A 193 16.41 -2.43 6.40
C ASP A 193 17.91 -2.51 6.64
N GLN A 194 18.42 -3.71 6.92
CA GLN A 194 19.85 -3.89 7.14
C GLN A 194 20.65 -3.42 5.93
N ARG A 195 20.22 -3.82 4.72
CA ARG A 195 20.93 -3.41 3.49
C ARG A 195 20.96 -1.90 3.35
N MET A 196 19.85 -1.23 3.68
CA MET A 196 19.80 0.22 3.55
C MET A 196 20.77 0.89 4.51
N ALA A 197 20.91 0.36 5.72
CA ALA A 197 21.91 0.93 6.62
C ALA A 197 23.32 0.68 6.08
N LEU A 198 23.54 -0.50 5.47
CA LEU A 198 24.83 -0.77 4.83
C LEU A 198 25.09 0.19 3.68
N GLN A 199 24.06 0.49 2.89
CA GLN A 199 24.20 1.49 1.84
C GLN A 199 24.56 2.85 2.40
N TRP A 200 24.00 3.19 3.56
CA TRP A 200 24.30 4.46 4.21
C TRP A 200 25.76 4.51 4.66
N VAL A 201 26.27 3.39 5.21
CA VAL A 201 27.67 3.32 5.63
C VAL A 201 28.58 3.47 4.42
N HIS A 202 28.26 2.75 3.32
CA HIS A 202 28.97 2.89 2.07
C HIS A 202 29.06 4.35 1.63
N ASP A 203 27.96 5.10 1.78
CA ASP A 203 27.87 6.46 1.26
C ASP A 203 28.41 7.52 2.21
N ASN A 204 28.48 7.23 3.51
CA ASN A 204 28.73 8.28 4.48
C ASN A 204 29.85 7.99 5.46
N ILE A 205 30.31 6.75 5.59
CA ILE A 205 31.24 6.46 6.68
C ILE A 205 32.58 7.17 6.47
N GLN A 206 32.93 7.50 5.22
CA GLN A 206 34.17 8.26 4.98
C GLN A 206 34.16 9.60 5.71
N PHE A 207 32.97 10.17 5.96
CA PHE A 207 32.90 11.45 6.68
C PHE A 207 33.14 11.29 8.17
N PHE A 208 33.17 10.06 8.67
CA PHE A 208 33.46 9.76 10.07
C PHE A 208 34.85 9.16 10.26
N GLY A 209 35.64 9.12 9.20
CA GLY A 209 36.96 8.54 9.28
C GLY A 209 37.01 7.05 9.01
N GLY A 210 35.96 6.48 8.43
CA GLY A 210 35.93 5.07 8.10
C GLY A 210 36.18 4.83 6.62
N ASP A 211 36.80 3.70 6.32
CA ASP A 211 37.05 3.30 4.94
C ASP A 211 35.89 2.45 4.43
N PRO A 212 35.05 2.97 3.52
CA PRO A 212 33.93 2.16 3.01
C PRO A 212 34.34 0.96 2.20
N LYS A 213 35.62 0.86 1.80
CA LYS A 213 36.15 -0.31 1.11
C LYS A 213 36.58 -1.42 2.07
N THR A 214 36.59 -1.17 3.38
CA THR A 214 37.01 -2.17 4.36
C THR A 214 35.97 -2.22 5.50
N VAL A 215 34.77 -2.68 5.15
CA VAL A 215 33.67 -2.84 6.10
C VAL A 215 33.48 -4.33 6.39
N THR A 216 33.48 -4.69 7.67
CA THR A 216 33.12 -6.02 8.11
C THR A 216 31.74 -6.00 8.76
N ILE A 217 30.83 -6.82 8.28
CA ILE A 217 29.57 -7.01 8.96
C ILE A 217 29.70 -8.20 9.90
N PHE A 218 29.16 -8.06 11.11
CA PHE A 218 29.20 -9.15 12.06
C PHE A 218 27.93 -9.13 12.91
N GLY A 219 27.53 -10.30 13.38
CA GLY A 219 26.32 -10.43 14.17
C GLY A 219 26.19 -11.82 14.74
N GLU A 220 25.30 -11.94 15.74
CA GLU A 220 25.07 -13.16 16.49
C GLU A 220 23.62 -13.62 16.32
N SER A 221 23.42 -14.95 16.30
CA SER A 221 22.09 -15.55 16.24
C SER A 221 21.40 -15.11 14.96
N ALA A 222 20.24 -14.47 15.00
CA ALA A 222 19.63 -14.00 13.77
C ALA A 222 20.55 -13.01 13.04
N GLY A 223 21.38 -12.28 13.77
CA GLY A 223 22.36 -11.41 13.13
C GLY A 223 23.44 -12.18 12.38
N GLY A 224 23.87 -13.32 12.90
CA GLY A 224 24.80 -14.18 12.16
C GLY A 224 24.19 -14.78 10.92
N ALA A 225 22.95 -15.29 11.03
CA ALA A 225 22.20 -15.71 9.85
C ALA A 225 22.08 -14.58 8.83
N SER A 226 21.72 -13.36 9.31
CA SER A 226 21.58 -12.20 8.42
C SER A 226 22.87 -11.94 7.66
N VAL A 227 24.00 -11.96 8.38
CA VAL A 227 25.30 -11.75 7.76
C VAL A 227 25.50 -12.73 6.63
N GLY A 228 25.16 -14.00 6.87
CA GLY A 228 25.30 -14.99 5.82
C GLY A 228 24.32 -14.77 4.69
N MET A 229 23.16 -14.18 4.99
CA MET A 229 22.19 -13.95 3.94
C MET A 229 22.67 -12.86 2.99
N HIS A 230 23.35 -11.84 3.53
CA HIS A 230 23.94 -10.80 2.70
C HIS A 230 25.08 -11.34 1.85
N ILE A 231 25.82 -12.31 2.38
CA ILE A 231 26.81 -13.05 1.58
C ILE A 231 26.14 -13.70 0.38
N LEU A 232 24.94 -14.25 0.59
CA LEU A 232 24.22 -14.92 -0.48
C LEU A 232 23.58 -13.93 -1.45
N SER A 233 22.99 -12.85 -0.95
CA SER A 233 22.14 -11.99 -1.78
C SER A 233 22.98 -11.14 -2.73
N PRO A 234 22.77 -11.24 -4.05
CA PRO A 234 23.48 -10.34 -4.99
C PRO A 234 23.30 -8.87 -4.67
N GLY A 235 22.07 -8.46 -4.33
CA GLY A 235 21.84 -7.06 -3.99
C GLY A 235 22.56 -6.57 -2.74
N SER A 236 23.25 -7.44 -1.99
CA SER A 236 23.94 -7.02 -0.78
C SER A 236 25.46 -7.09 -0.89
N ARG A 237 26.00 -7.82 -1.86
CA ARG A 237 27.39 -8.25 -1.80
C ARG A 237 28.39 -7.11 -1.92
N ASP A 238 28.04 -6.06 -2.65
CA ASP A 238 28.98 -4.97 -2.85
C ASP A 238 28.97 -3.95 -1.74
N LEU A 239 28.24 -4.21 -0.65
CA LEU A 239 28.14 -3.24 0.44
C LEU A 239 29.02 -3.58 1.64
N PHE A 240 29.88 -4.59 1.55
CA PHE A 240 30.77 -4.91 2.65
C PHE A 240 31.95 -5.70 2.11
N ARG A 241 33.01 -5.80 2.91
CA ARG A 241 34.25 -6.45 2.47
C ARG A 241 34.32 -7.93 2.91
N ARG A 242 34.13 -8.20 4.21
CA ARG A 242 34.14 -9.57 4.73
C ARG A 242 33.19 -9.66 5.92
N ALA A 243 33.11 -10.85 6.53
CA ALA A 243 31.98 -11.18 7.40
C ALA A 243 32.40 -12.03 8.58
N ILE A 244 31.73 -11.78 9.72
CA ILE A 244 31.84 -12.62 10.91
C ILE A 244 30.43 -13.09 11.28
N LEU A 245 30.31 -14.39 11.58
CA LEU A 245 29.04 -15.03 11.93
C LEU A 245 29.19 -15.72 13.29
N GLN A 246 28.40 -15.29 14.27
CA GLN A 246 28.44 -15.82 15.63
C GLN A 246 27.13 -16.56 15.93
N SER A 247 27.23 -17.88 16.16
CA SER A 247 26.10 -18.71 16.58
C SER A 247 24.89 -18.56 15.66
N GLY A 248 25.16 -18.57 14.36
CA GLY A 248 24.09 -18.43 13.40
C GLY A 248 24.62 -18.55 11.99
N SER A 249 23.83 -19.12 11.09
CA SER A 249 24.20 -19.20 9.69
C SER A 249 22.92 -19.19 8.88
N PRO A 250 23.00 -18.82 7.59
CA PRO A 250 21.77 -18.55 6.82
C PRO A 250 20.90 -19.78 6.60
N ASN A 251 21.50 -20.97 6.62
CA ASN A 251 20.77 -22.21 6.40
C ASN A 251 20.19 -22.83 7.68
N CYS A 252 20.25 -22.15 8.82
CA CYS A 252 19.66 -22.70 10.04
C CYS A 252 18.16 -23.00 9.84
N PRO A 253 17.64 -24.04 10.51
CA PRO A 253 16.23 -24.44 10.27
C PRO A 253 15.21 -23.41 10.72
N TRP A 254 15.55 -22.56 11.67
CA TRP A 254 14.65 -21.53 12.19
C TRP A 254 14.75 -20.22 11.42
N ALA A 255 15.65 -20.11 10.42
CA ALA A 255 16.02 -18.80 9.89
C ALA A 255 15.29 -18.40 8.61
N SER A 256 14.55 -19.30 7.97
CA SER A 256 13.76 -18.91 6.82
C SER A 256 12.59 -19.86 6.65
N VAL A 257 11.63 -19.45 5.82
CA VAL A 257 10.47 -20.25 5.46
C VAL A 257 10.27 -20.11 3.95
N SER A 258 9.52 -21.05 3.38
CA SER A 258 9.07 -20.96 2.00
C SER A 258 8.03 -19.86 1.84
N VAL A 259 7.81 -19.42 0.58
CA VAL A 259 6.78 -18.41 0.34
C VAL A 259 5.42 -18.91 0.78
N ALA A 260 5.15 -20.20 0.56
CA ALA A 260 3.88 -20.78 0.95
C ALA A 260 3.67 -20.73 2.46
N GLU A 261 4.73 -21.01 3.24
CA GLU A 261 4.58 -21.03 4.68
C GLU A 261 4.51 -19.62 5.26
N GLY A 262 5.29 -18.69 4.69
CA GLY A 262 5.16 -17.31 5.10
C GLY A 262 3.76 -16.79 4.83
N ARG A 263 3.18 -17.19 3.69
CA ARG A 263 1.83 -16.75 3.37
C ARG A 263 0.83 -17.37 4.34
N ARG A 264 1.00 -18.66 4.67
CA ARG A 264 0.13 -19.29 5.64
C ARG A 264 0.18 -18.57 6.97
N ARG A 265 1.38 -18.21 7.43
CA ARG A 265 1.49 -17.58 8.74
C ARG A 265 0.90 -16.17 8.73
N ALA A 266 0.98 -15.47 7.59
CA ALA A 266 0.41 -14.13 7.50
C ALA A 266 -1.11 -14.19 7.53
N VAL A 267 -1.69 -15.12 6.77
CA VAL A 267 -3.13 -15.34 6.78
C VAL A 267 -3.59 -15.73 8.19
N GLU A 268 -2.85 -16.64 8.83
CA GLU A 268 -3.20 -17.04 10.18
C GLU A 268 -3.08 -15.88 11.17
N LEU A 269 -2.15 -14.95 10.95
CA LEU A 269 -2.09 -13.78 11.83
C LEU A 269 -3.35 -12.93 11.68
N GLY A 270 -3.84 -12.79 10.44
CA GLY A 270 -5.09 -12.08 10.24
C GLY A 270 -6.28 -12.79 10.90
N ARG A 271 -6.33 -14.11 10.80
CA ARG A 271 -7.43 -14.86 11.41
C ARG A 271 -7.46 -14.65 12.92
N ASN A 272 -6.30 -14.65 13.57
CA ASN A 272 -6.24 -14.36 14.99
C ASN A 272 -6.76 -12.98 15.34
N LEU A 273 -6.81 -12.06 14.38
CA LEU A 273 -7.23 -10.69 14.65
C LEU A 273 -8.51 -10.33 13.89
N ASN A 274 -9.29 -11.33 13.50
CA ASN A 274 -10.59 -11.13 12.85
C ASN A 274 -10.47 -10.23 11.62
N CYS A 275 -9.44 -10.48 10.82
CA CYS A 275 -9.19 -9.70 9.63
C CYS A 275 -9.93 -10.28 8.43
N ASN A 276 -10.34 -9.41 7.51
CA ASN A 276 -10.80 -9.87 6.21
C ASN A 276 -9.68 -10.63 5.52
N LEU A 277 -9.93 -11.88 5.14
CA LEU A 277 -8.90 -12.71 4.53
C LEU A 277 -9.09 -12.90 3.03
N ASN A 278 -9.98 -12.13 2.41
CA ASN A 278 -10.34 -12.38 1.01
C ASN A 278 -9.20 -12.14 0.04
N SER A 279 -8.32 -11.19 0.34
CA SER A 279 -7.27 -10.81 -0.60
C SER A 279 -6.11 -10.20 0.16
N ASP A 280 -4.94 -10.19 -0.51
CA ASP A 280 -3.77 -9.56 0.07
C ASP A 280 -4.04 -8.11 0.45
N GLU A 281 -4.65 -7.32 -0.44
CA GLU A 281 -4.92 -5.92 -0.12
C GLU A 281 -5.82 -5.78 1.10
N GLU A 282 -6.87 -6.60 1.20
CA GLU A 282 -7.77 -6.49 2.35
C GLU A 282 -7.11 -6.95 3.64
N LEU A 283 -6.41 -8.09 3.59
CA LEU A 283 -5.67 -8.55 4.77
C LEU A 283 -4.67 -7.50 5.23
N ILE A 284 -3.89 -6.95 4.28
CA ILE A 284 -2.87 -5.95 4.63
C ILE A 284 -3.52 -4.69 5.18
N HIS A 285 -4.59 -4.22 4.53
CA HIS A 285 -5.27 -3.02 5.03
C HIS A 285 -5.72 -3.23 6.48
N CYS A 286 -6.26 -4.42 6.79
CA CYS A 286 -6.70 -4.72 8.16
C CYS A 286 -5.54 -4.69 9.14
N LEU A 287 -4.43 -5.36 8.79
CA LEU A 287 -3.28 -5.41 9.69
C LEU A 287 -2.63 -4.05 9.90
N ARG A 288 -2.66 -3.17 8.90
CA ARG A 288 -2.13 -1.82 9.10
C ARG A 288 -2.98 -0.98 10.05
N GLU A 289 -4.23 -1.37 10.31
CA GLU A 289 -5.06 -0.61 11.24
C GLU A 289 -4.82 -0.98 12.71
N LYS A 290 -4.19 -2.13 12.97
CA LYS A 290 -4.01 -2.60 14.32
C LYS A 290 -2.90 -1.84 15.02
N LYS A 291 -3.03 -1.68 16.32
CA LYS A 291 -1.93 -1.16 17.12
CA LYS A 291 -1.92 -1.14 17.09
C LYS A 291 -0.79 -2.17 17.12
N PRO A 292 0.45 -1.72 17.30
CA PRO A 292 1.57 -2.68 17.22
C PRO A 292 1.48 -3.80 18.24
N GLN A 293 1.06 -3.50 19.46
CA GLN A 293 0.93 -4.54 20.48
C GLN A 293 -0.14 -5.57 20.12
N GLU A 294 -1.11 -5.21 19.28
CA GLU A 294 -2.13 -6.20 18.92
C GLU A 294 -1.54 -7.32 18.07
N LEU A 295 -0.59 -6.98 17.19
CA LEU A 295 0.07 -8.02 16.39
C LEU A 295 1.00 -8.86 17.26
N ILE A 296 1.78 -8.19 18.10
CA ILE A 296 2.73 -8.88 18.96
C ILE A 296 2.01 -9.88 19.86
N ASP A 297 0.82 -9.52 20.37
CA ASP A 297 0.13 -10.38 21.33
C ASP A 297 -0.21 -11.73 20.75
N VAL A 298 -0.39 -11.83 19.43
CA VAL A 298 -0.78 -13.09 18.81
C VAL A 298 0.34 -13.68 17.95
N GLU A 299 1.52 -13.07 17.95
CA GLU A 299 2.61 -13.44 17.05
C GLU A 299 2.96 -14.93 17.15
N TRP A 300 3.13 -15.44 18.37
CA TRP A 300 3.52 -16.83 18.56
C TRP A 300 2.44 -17.82 18.11
N ASN A 301 1.20 -17.36 17.97
CA ASN A 301 0.09 -18.26 17.66
C ASN A 301 0.14 -18.81 16.24
N VAL A 302 0.97 -18.27 15.34
CA VAL A 302 0.95 -18.75 13.96
C VAL A 302 1.93 -19.90 13.72
N LEU A 303 2.71 -20.28 14.72
CA LEU A 303 3.65 -21.38 14.51
C LEU A 303 2.88 -22.67 14.21
N PRO A 304 3.36 -23.48 13.26
CA PRO A 304 2.62 -24.69 12.92
C PRO A 304 2.69 -25.78 13.98
N PHE A 305 3.70 -25.76 14.85
CA PHE A 305 3.89 -26.83 15.83
C PHE A 305 4.22 -26.24 17.19
N ASP A 306 3.83 -26.97 18.23
CA ASP A 306 4.48 -26.85 19.52
C ASP A 306 5.96 -27.12 19.33
N SER A 307 6.80 -26.15 19.71
CA SER A 307 8.20 -26.25 19.34
C SER A 307 9.02 -25.35 20.25
N ILE A 308 10.33 -25.56 20.19
CA ILE A 308 11.29 -24.59 20.70
C ILE A 308 12.26 -24.23 19.59
N PHE A 309 12.93 -23.08 19.76
CA PHE A 309 13.87 -22.58 18.75
C PHE A 309 13.20 -22.45 17.38
N ARG A 310 11.94 -21.99 17.38
CA ARG A 310 11.21 -21.70 16.15
C ARG A 310 10.52 -20.35 16.32
N PHE A 311 10.56 -19.53 15.27
CA PHE A 311 10.09 -18.15 15.34
C PHE A 311 9.12 -17.88 14.21
N SER A 312 8.14 -17.01 14.48
CA SER A 312 7.00 -16.89 13.57
C SER A 312 7.37 -16.20 12.25
N PHE A 313 7.96 -15.01 12.31
CA PHE A 313 8.16 -14.18 11.12
C PHE A 313 9.65 -14.02 10.85
N VAL A 314 10.11 -14.67 9.79
CA VAL A 314 11.53 -14.80 9.48
C VAL A 314 11.72 -14.59 7.98
N PRO A 315 12.96 -14.45 7.49
CA PRO A 315 13.18 -14.31 6.04
C PRO A 315 12.48 -15.37 5.22
N VAL A 316 12.09 -15.00 4.00
CA VAL A 316 11.37 -15.89 3.10
C VAL A 316 12.24 -16.09 1.86
N ILE A 317 12.31 -17.34 1.38
CA ILE A 317 13.07 -17.72 0.19
C ILE A 317 12.22 -17.34 -1.01
N ASP A 318 12.46 -16.16 -1.59
CA ASP A 318 11.46 -15.48 -2.41
C ASP A 318 11.78 -15.40 -3.89
N GLY A 319 13.02 -15.67 -4.30
CA GLY A 319 13.39 -15.51 -5.68
C GLY A 319 13.93 -14.15 -6.05
N GLU A 320 14.00 -13.22 -5.10
CA GLU A 320 14.47 -11.86 -5.35
C GLU A 320 15.63 -11.47 -4.44
N PHE A 321 15.41 -11.42 -3.12
CA PHE A 321 16.55 -11.31 -2.21
C PHE A 321 17.43 -12.56 -2.30
N PHE A 322 16.81 -13.73 -2.37
CA PHE A 322 17.52 -14.98 -2.61
C PHE A 322 17.16 -15.52 -3.98
N PRO A 323 18.08 -15.53 -4.97
CA PRO A 323 17.69 -15.97 -6.32
C PRO A 323 17.14 -17.39 -6.40
N THR A 324 17.74 -18.35 -5.69
CA THR A 324 17.24 -19.72 -5.65
C THR A 324 17.31 -20.21 -4.22
N SER A 325 17.12 -21.52 -4.03
CA SER A 325 17.21 -22.11 -2.70
C SER A 325 18.60 -21.88 -2.13
N LEU A 326 18.68 -21.79 -0.80
CA LEU A 326 19.97 -21.57 -0.16
C LEU A 326 20.97 -22.69 -0.49
N GLU A 327 20.49 -23.94 -0.52
CA GLU A 327 21.42 -25.04 -0.77
C GLU A 327 21.95 -25.02 -2.19
N SER A 328 21.10 -24.71 -3.17
CA SER A 328 21.59 -24.63 -4.55
C SER A 328 22.58 -23.49 -4.72
N MET A 329 22.33 -22.34 -4.08
CA MET A 329 23.30 -21.24 -4.13
C MET A 329 24.63 -21.66 -3.51
N LEU A 330 24.57 -22.36 -2.36
CA LEU A 330 25.79 -22.85 -1.74
C LEU A 330 26.51 -23.87 -2.64
N ASN A 331 25.76 -24.77 -3.29
CA ASN A 331 26.42 -25.80 -4.09
C ASN A 331 27.08 -25.22 -5.33
N SER A 332 26.46 -24.23 -5.97
CA SER A 332 26.99 -23.68 -7.20
C SER A 332 28.03 -22.58 -6.97
N GLY A 333 28.26 -22.17 -5.72
CA GLY A 333 29.14 -21.04 -5.48
C GLY A 333 28.55 -19.68 -5.77
N ASN A 334 27.23 -19.55 -5.77
CA ASN A 334 26.58 -18.28 -6.07
C ASN A 334 26.47 -17.47 -4.78
N PHE A 335 27.58 -16.86 -4.39
CA PHE A 335 27.64 -16.07 -3.18
C PHE A 335 28.92 -15.26 -3.24
N LYS A 336 29.03 -14.27 -2.34
CA LYS A 336 30.22 -13.44 -2.30
C LYS A 336 31.42 -14.24 -1.82
N LYS A 337 32.51 -14.14 -2.56
CA LYS A 337 33.73 -14.87 -2.27
C LYS A 337 34.69 -13.94 -1.57
N THR A 338 34.94 -14.20 -0.29
CA THR A 338 35.75 -13.31 0.53
C THR A 338 36.25 -14.15 1.71
N GLN A 339 36.69 -13.50 2.78
CA GLN A 339 37.09 -14.18 4.01
C GLN A 339 35.96 -14.13 5.04
N ILE A 340 35.78 -15.24 5.76
CA ILE A 340 34.80 -15.33 6.83
C ILE A 340 35.45 -15.87 8.09
N LEU A 341 34.94 -15.40 9.23
CA LEU A 341 35.33 -15.85 10.55
C LEU A 341 34.04 -16.15 11.31
N LEU A 342 33.96 -17.33 11.94
CA LEU A 342 32.68 -17.76 12.49
C LEU A 342 32.91 -18.84 13.52
N GLY A 343 31.86 -19.11 14.30
CA GLY A 343 31.98 -20.08 15.39
C GLY A 343 30.68 -20.18 16.16
N VAL A 344 30.75 -20.99 17.22
CA VAL A 344 29.59 -21.39 18.02
C VAL A 344 30.02 -21.45 19.48
N ASN A 345 29.02 -21.54 20.37
CA ASN A 345 29.25 -21.74 21.78
C ASN A 345 28.97 -23.20 22.18
N LYS A 346 29.48 -23.57 23.35
CA LYS A 346 29.43 -24.97 23.75
C LYS A 346 27.99 -25.43 24.00
N ASP A 347 27.15 -24.58 24.60
CA ASP A 347 25.81 -25.02 25.00
C ASP A 347 24.75 -24.08 24.41
N GLU A 348 24.65 -24.09 23.08
CA GLU A 348 23.70 -23.21 22.40
C GLU A 348 22.27 -23.51 22.81
N GLY A 349 21.98 -24.72 23.26
CA GLY A 349 20.61 -25.11 23.49
C GLY A 349 19.94 -24.76 24.82
N SER A 350 20.73 -24.46 25.86
CA SER A 350 20.16 -24.46 27.22
C SER A 350 19.10 -23.38 27.40
N PHE A 351 19.34 -22.19 26.84
CA PHE A 351 18.38 -21.08 26.96
C PHE A 351 17.01 -21.49 26.45
N PHE A 352 16.95 -22.11 25.28
CA PHE A 352 15.66 -22.48 24.71
C PHE A 352 14.98 -23.61 25.49
N LEU A 353 15.76 -24.49 26.11
CA LEU A 353 15.13 -25.51 26.95
C LEU A 353 14.57 -24.90 28.23
N LEU A 354 15.32 -23.99 28.85
CA LEU A 354 14.86 -23.28 30.03
C LEU A 354 13.48 -22.66 29.81
N TYR A 355 13.31 -21.98 28.66
CA TYR A 355 12.09 -21.23 28.42
C TYR A 355 10.94 -22.08 27.89
N GLY A 356 11.21 -23.19 27.23
CA GLY A 356 10.13 -23.86 26.53
C GLY A 356 9.97 -25.36 26.69
N ALA A 357 10.81 -26.02 27.50
CA ALA A 357 10.73 -27.47 27.60
C ALA A 357 10.46 -27.93 29.04
N PRO A 358 9.70 -29.00 29.23
CA PRO A 358 9.36 -29.40 30.61
C PRO A 358 10.56 -29.99 31.35
N GLY A 359 10.64 -29.68 32.65
CA GLY A 359 11.66 -30.19 33.55
C GLY A 359 12.80 -29.23 33.83
N PHE A 360 12.86 -28.09 33.14
CA PHE A 360 13.98 -27.17 33.24
C PHE A 360 13.62 -25.98 34.12
N SER A 361 14.58 -25.54 34.93
CA SER A 361 14.36 -24.47 35.88
CA SER A 361 14.36 -24.47 35.88
C SER A 361 15.64 -23.68 36.05
N LYS A 362 15.48 -22.37 36.28
CA LYS A 362 16.59 -21.46 36.51
C LYS A 362 17.18 -21.67 37.90
N ASP A 363 16.43 -22.29 38.81
CA ASP A 363 16.80 -22.38 40.21
C ASP A 363 17.10 -23.81 40.66
N SER A 364 17.29 -24.74 39.72
CA SER A 364 17.64 -26.10 40.07
C SER A 364 18.53 -26.67 38.97
N GLU A 365 19.17 -27.80 39.30
CA GLU A 365 20.02 -28.50 38.35
C GLU A 365 19.27 -29.05 37.17
N SER A 366 17.94 -29.12 37.22
CA SER A 366 17.12 -29.51 36.08
C SER A 366 17.50 -30.91 35.58
N LYS A 367 17.61 -31.87 36.50
CA LYS A 367 17.72 -33.27 36.07
C LYS A 367 16.43 -33.67 35.37
N ILE A 368 16.58 -34.31 34.22
CA ILE A 368 15.50 -34.49 33.27
C ILE A 368 15.11 -35.97 33.29
N SER A 369 13.84 -36.24 33.62
CA SER A 369 13.36 -37.60 33.59
C SER A 369 13.33 -38.10 32.15
N ARG A 370 13.11 -39.41 32.01
CA ARG A 370 12.98 -40.01 30.70
C ARG A 370 11.75 -39.49 29.96
N GLU A 371 10.63 -39.35 30.67
CA GLU A 371 9.41 -38.83 30.06
C GLU A 371 9.62 -37.43 29.49
N ASP A 372 10.26 -36.55 30.27
CA ASP A 372 10.50 -35.18 29.83
C ASP A 372 11.57 -35.12 28.74
N PHE A 373 12.53 -36.04 28.77
CA PHE A 373 13.47 -36.14 27.66
C PHE A 373 12.74 -36.36 26.34
N MET A 374 11.83 -37.34 26.33
CA MET A 374 11.08 -37.63 25.10
C MET A 374 10.23 -36.45 24.68
N SER A 375 9.54 -35.81 25.63
CA SER A 375 8.83 -34.56 25.33
C SER A 375 9.76 -33.52 24.72
N GLY A 376 10.97 -33.38 25.28
CA GLY A 376 11.93 -32.42 24.76
C GLY A 376 12.33 -32.66 23.31
N VAL A 377 12.63 -33.92 22.93
CA VAL A 377 13.12 -34.09 21.55
C VAL A 377 11.98 -33.83 20.57
N LYS A 378 10.75 -34.13 20.95
CA LYS A 378 9.61 -33.80 20.09
C LYS A 378 9.50 -32.29 19.89
N LEU A 379 9.70 -31.51 20.95
CA LEU A 379 9.68 -30.05 20.83
C LEU A 379 10.88 -29.51 20.05
N SER A 380 12.03 -30.19 20.12
CA SER A 380 13.25 -29.73 19.48
C SER A 380 13.28 -30.04 17.99
N VAL A 381 12.64 -31.12 17.58
CA VAL A 381 12.63 -31.48 16.17
C VAL A 381 11.16 -31.59 15.74
N PRO A 382 10.44 -30.46 15.72
CA PRO A 382 8.98 -30.52 15.53
C PRO A 382 8.57 -31.07 14.17
N HIS A 383 9.43 -30.99 13.18
CA HIS A 383 9.14 -31.44 11.83
C HIS A 383 9.42 -32.91 11.60
N ALA A 384 9.94 -33.64 12.59
CA ALA A 384 10.27 -35.05 12.39
C ALA A 384 9.04 -35.94 12.51
N ASN A 385 9.01 -37.02 11.74
CA ASN A 385 8.05 -38.08 12.00
C ASN A 385 8.54 -38.95 13.16
N ASP A 386 7.76 -39.99 13.48
CA ASP A 386 8.08 -40.86 14.61
C ASP A 386 9.37 -41.63 14.39
N LEU A 387 9.62 -42.08 13.17
CA LEU A 387 10.91 -42.71 12.87
C LEU A 387 12.06 -41.72 13.08
N GLY A 388 11.86 -40.46 12.67
CA GLY A 388 12.89 -39.46 12.88
C GLY A 388 13.16 -39.21 14.34
N LEU A 389 12.10 -39.13 15.15
CA LEU A 389 12.28 -38.92 16.58
C LEU A 389 13.02 -40.10 17.23
N ASP A 390 12.76 -41.33 16.76
CA ASP A 390 13.49 -42.49 17.28
C ASP A 390 14.97 -42.40 16.95
N ALA A 391 15.29 -41.93 15.74
CA ALA A 391 16.67 -41.78 15.34
C ALA A 391 17.40 -40.77 16.21
N VAL A 392 16.78 -39.60 16.44
CA VAL A 392 17.38 -38.61 17.34
C VAL A 392 17.58 -39.21 18.73
N THR A 393 16.54 -39.87 19.25
CA THR A 393 16.60 -40.42 20.59
C THR A 393 17.73 -41.43 20.72
N LEU A 394 17.82 -42.36 19.77
CA LEU A 394 18.89 -43.36 19.80
C LEU A 394 20.26 -42.71 19.73
N GLN A 395 20.38 -41.66 18.92
CA GLN A 395 21.68 -41.03 18.75
C GLN A 395 22.18 -40.36 20.03
N TYR A 396 21.26 -39.97 20.93
CA TYR A 396 21.64 -39.18 22.09
C TYR A 396 21.33 -39.86 23.42
N THR A 397 20.96 -41.14 23.42
CA THR A 397 20.64 -41.85 24.65
C THR A 397 21.70 -42.89 24.97
N ASP A 398 22.15 -42.89 26.22
CA ASP A 398 23.05 -43.93 26.74
C ASP A 398 22.17 -45.04 27.30
N TRP A 399 21.98 -46.10 26.52
CA TRP A 399 21.08 -47.16 26.95
C TRP A 399 21.68 -48.06 28.03
N MET A 400 22.91 -47.81 28.47
CA MET A 400 23.40 -48.40 29.71
C MET A 400 22.95 -47.65 30.96
N ASP A 401 22.36 -46.46 30.79
CA ASP A 401 22.15 -45.53 31.92
C ASP A 401 21.08 -44.52 31.53
N ASP A 402 19.98 -44.99 30.97
CA ASP A 402 18.94 -44.16 30.37
C ASP A 402 18.11 -43.39 31.39
N ASN A 403 18.21 -43.69 32.68
CA ASN A 403 17.50 -42.95 33.71
C ASN A 403 18.40 -41.98 34.44
N ASN A 404 19.52 -41.60 33.84
CA ASN A 404 20.43 -40.63 34.43
C ASN A 404 19.92 -39.23 34.09
N GLY A 405 19.44 -38.49 35.11
CA GLY A 405 18.85 -37.18 34.88
C GLY A 405 19.84 -36.16 34.33
N ILE A 406 21.11 -36.27 34.70
CA ILE A 406 22.13 -35.37 34.17
C ILE A 406 22.39 -35.66 32.70
N LYS A 407 22.51 -36.94 32.33
CA LYS A 407 22.75 -37.29 30.94
C LYS A 407 21.56 -36.98 30.06
N ASN A 408 20.35 -37.13 30.60
CA ASN A 408 19.17 -36.75 29.82
C ASN A 408 19.11 -35.26 29.59
N ARG A 409 19.45 -34.47 30.61
CA ARG A 409 19.46 -33.02 30.49
C ARG A 409 20.51 -32.55 29.49
N ASP A 410 21.74 -33.05 29.64
CA ASP A 410 22.81 -32.65 28.73
C ASP A 410 22.57 -33.16 27.31
N GLY A 411 21.95 -34.33 27.17
CA GLY A 411 21.66 -34.84 25.84
C GLY A 411 20.64 -33.98 25.10
N LEU A 412 19.61 -33.51 25.81
CA LEU A 412 18.67 -32.56 25.23
C LEU A 412 19.36 -31.24 24.90
N ASP A 413 20.26 -30.78 25.77
CA ASP A 413 21.03 -29.57 25.49
C ASP A 413 21.81 -29.72 24.18
N ASP A 414 22.43 -30.88 23.96
CA ASP A 414 23.22 -31.10 22.75
C ASP A 414 22.32 -31.21 21.53
N ILE A 415 21.17 -31.88 21.65
CA ILE A 415 20.22 -31.97 20.53
C ILE A 415 19.85 -30.57 20.05
N VAL A 416 19.38 -29.71 20.96
CA VAL A 416 18.94 -28.36 20.56
C VAL A 416 20.09 -27.60 19.90
N GLY A 417 21.26 -27.60 20.53
CA GLY A 417 22.37 -26.82 19.99
C GLY A 417 22.94 -27.39 18.70
N ASP A 418 23.02 -28.72 18.60
CA ASP A 418 23.55 -29.34 17.38
C ASP A 418 22.61 -29.10 16.20
N HIS A 419 21.32 -29.34 16.39
CA HIS A 419 20.35 -29.26 15.30
C HIS A 419 20.15 -27.81 14.83
N ASN A 420 20.16 -26.85 15.74
CA ASN A 420 19.77 -25.49 15.40
C ASN A 420 20.93 -24.56 15.09
N VAL A 421 22.12 -24.81 15.64
CA VAL A 421 23.23 -23.88 15.48
C VAL A 421 24.49 -24.55 14.95
N ILE A 422 25.02 -25.54 15.68
CA ILE A 422 26.36 -26.05 15.36
C ILE A 422 26.38 -26.73 14.00
N CYS A 423 25.51 -27.71 13.78
CA CYS A 423 25.58 -28.48 12.54
C CYS A 423 25.12 -27.69 11.31
N PRO A 424 24.10 -26.82 11.39
CA PRO A 424 23.85 -25.94 10.23
C PRO A 424 25.05 -25.08 9.90
N LEU A 425 25.71 -24.54 10.93
CA LEU A 425 26.89 -23.72 10.69
C LEU A 425 28.01 -24.54 10.05
N MET A 426 28.23 -25.78 10.52
CA MET A 426 29.30 -26.62 9.92
C MET A 426 28.97 -26.98 8.49
N HIS A 427 27.70 -27.15 8.16
CA HIS A 427 27.35 -27.34 6.76
C HIS A 427 27.69 -26.10 5.95
N PHE A 428 27.41 -24.92 6.49
CA PHE A 428 27.75 -23.67 5.80
C PHE A 428 29.26 -23.51 5.65
N VAL A 429 30.00 -23.78 6.73
CA VAL A 429 31.46 -23.68 6.73
C VAL A 429 32.05 -24.51 5.61
N ASN A 430 31.62 -25.78 5.53
CA ASN A 430 32.21 -26.67 4.54
C ASN A 430 31.86 -26.25 3.11
N LYS A 431 30.59 -25.90 2.87
CA LYS A 431 30.19 -25.46 1.54
C LYS A 431 30.89 -24.16 1.14
N TYR A 432 31.03 -23.22 2.07
CA TYR A 432 31.63 -21.92 1.74
C TYR A 432 33.10 -22.06 1.43
N THR A 433 33.82 -22.88 2.21
CA THR A 433 35.26 -22.99 2.09
C THR A 433 35.69 -23.53 0.71
N LYS A 434 34.80 -24.25 0.03
CA LYS A 434 35.10 -24.77 -1.30
C LYS A 434 35.35 -23.64 -2.30
N PHE A 435 34.66 -22.51 -2.13
CA PHE A 435 34.79 -21.37 -3.04
C PHE A 435 35.36 -20.12 -2.39
N GLY A 436 35.36 -20.03 -1.06
CA GLY A 436 35.78 -18.80 -0.39
C GLY A 436 37.27 -18.53 -0.55
N ASN A 437 37.71 -17.45 0.11
CA ASN A 437 39.10 -17.02 0.08
C ASN A 437 39.71 -17.00 1.49
N GLY A 438 39.17 -17.78 2.42
CA GLY A 438 39.73 -17.85 3.75
C GLY A 438 38.70 -18.01 4.85
N THR A 439 38.78 -19.10 5.61
CA THR A 439 37.82 -19.41 6.66
C THR A 439 38.54 -19.60 7.99
N TYR A 440 38.03 -18.98 9.05
CA TYR A 440 38.52 -19.17 10.41
C TYR A 440 37.36 -19.55 11.32
N LEU A 441 37.50 -20.67 12.03
CA LEU A 441 36.43 -21.30 12.78
C LEU A 441 36.81 -21.38 14.27
N TYR A 442 35.89 -20.97 15.15
CA TYR A 442 36.14 -21.01 16.59
C TYR A 442 35.04 -21.79 17.32
N PHE A 443 35.38 -22.24 18.52
CA PHE A 443 34.46 -22.91 19.44
C PHE A 443 34.64 -22.21 20.78
N PHE A 444 33.65 -21.41 21.17
CA PHE A 444 33.74 -20.63 22.41
C PHE A 444 33.17 -21.47 23.55
N ASN A 445 34.02 -21.85 24.50
CA ASN A 445 33.58 -22.69 25.60
C ASN A 445 34.07 -22.16 26.94
N HIS A 446 34.04 -20.85 27.14
CA HIS A 446 34.35 -20.29 28.45
C HIS A 446 33.06 -19.88 29.15
N ARG A 447 32.87 -20.39 30.36
CA ARG A 447 31.76 -19.96 31.19
C ARG A 447 32.23 -18.82 32.10
N ALA A 448 31.56 -17.67 31.98
CA ALA A 448 32.00 -16.47 32.69
C ALA A 448 31.92 -16.66 34.20
N SER A 449 32.93 -16.14 34.90
CA SER A 449 33.00 -16.26 36.36
C SER A 449 31.81 -15.60 37.05
N ASN A 450 31.21 -14.57 36.46
CA ASN A 450 30.14 -13.81 37.08
C ASN A 450 28.77 -14.12 36.47
N LEU A 451 28.63 -15.24 35.76
CA LEU A 451 27.36 -15.59 35.14
C LEU A 451 26.28 -15.67 36.20
N VAL A 452 25.12 -15.10 35.90
CA VAL A 452 23.99 -15.15 36.84
C VAL A 452 23.08 -16.32 36.56
N TRP A 453 23.25 -17.01 35.44
CA TRP A 453 22.48 -18.20 35.14
C TRP A 453 23.12 -19.44 35.78
N PRO A 454 22.35 -20.48 36.05
CA PRO A 454 22.89 -21.64 36.78
C PRO A 454 23.87 -22.46 35.94
N GLU A 455 24.61 -23.33 36.67
CA GLU A 455 25.70 -24.10 36.07
C GLU A 455 25.23 -25.00 34.92
N TRP A 456 24.05 -25.58 35.04
CA TRP A 456 23.66 -26.57 34.03
C TRP A 456 23.53 -25.97 32.65
N MET A 457 23.29 -24.66 32.54
CA MET A 457 23.18 -24.04 31.24
C MET A 457 24.51 -23.87 30.54
N GLY A 458 25.63 -23.98 31.26
CA GLY A 458 26.93 -24.01 30.59
C GLY A 458 27.24 -22.70 29.87
N VAL A 459 27.73 -22.82 28.64
CA VAL A 459 28.18 -21.66 27.85
C VAL A 459 27.02 -21.29 26.93
N ILE A 460 26.27 -20.27 27.31
CA ILE A 460 24.92 -20.01 26.83
C ILE A 460 24.92 -19.26 25.50
N HIS A 461 23.89 -19.51 24.70
CA HIS A 461 23.57 -18.76 23.49
C HIS A 461 23.51 -17.26 23.77
N GLY A 462 24.46 -16.52 23.21
CA GLY A 462 24.53 -15.07 23.36
C GLY A 462 25.65 -14.59 24.26
N TYR A 463 26.29 -15.47 25.03
CA TYR A 463 27.17 -15.03 26.09
C TYR A 463 28.63 -14.95 25.68
N GLU A 464 28.92 -15.17 24.39
CA GLU A 464 30.20 -14.71 23.87
C GLU A 464 30.18 -13.21 23.50
N ILE A 465 29.00 -12.62 23.27
CA ILE A 465 28.92 -11.23 22.78
C ILE A 465 29.66 -10.29 23.74
N GLU A 466 29.42 -10.44 25.06
CA GLU A 466 30.06 -9.55 26.03
C GLU A 466 31.59 -9.57 25.92
N PHE A 467 32.18 -10.70 25.55
CA PHE A 467 33.63 -10.74 25.39
C PHE A 467 34.04 -10.07 24.07
N VAL A 468 33.21 -10.20 23.03
CA VAL A 468 33.49 -9.57 21.75
C VAL A 468 33.47 -8.05 21.90
N PHE A 469 32.58 -7.53 22.75
CA PHE A 469 32.42 -6.10 22.92
C PHE A 469 33.26 -5.54 24.07
N GLY A 470 34.12 -6.35 24.68
CA GLY A 470 35.09 -5.82 25.63
C GLY A 470 34.55 -5.48 27.00
N LEU A 471 33.37 -5.97 27.37
CA LEU A 471 32.87 -5.73 28.71
C LEU A 471 33.78 -6.26 29.83
N PRO A 472 34.53 -7.36 29.69
CA PRO A 472 35.47 -7.72 30.76
C PRO A 472 36.51 -6.66 31.09
N LEU A 473 36.77 -5.71 30.18
CA LEU A 473 37.72 -4.63 30.47
C LEU A 473 37.20 -3.61 31.48
N VAL A 474 35.93 -3.68 31.88
CA VAL A 474 35.35 -2.74 32.81
C VAL A 474 35.45 -3.33 34.22
N LYS A 475 36.27 -2.70 35.08
CA LYS A 475 36.56 -3.23 36.40
C LYS A 475 35.28 -3.49 37.21
N GLU A 476 34.34 -2.55 37.18
CA GLU A 476 33.19 -2.73 38.07
C GLU A 476 32.24 -3.82 37.61
N LEU A 477 32.49 -4.49 36.49
CA LEU A 477 31.67 -5.62 36.10
C LEU A 477 32.17 -6.95 36.64
N ASN A 478 33.31 -6.97 37.32
CA ASN A 478 33.76 -8.11 38.14
C ASN A 478 34.06 -9.35 37.30
N TYR A 479 34.72 -9.17 36.16
CA TYR A 479 35.35 -10.29 35.47
C TYR A 479 36.76 -10.49 36.01
N THR A 480 37.29 -11.70 35.84
CA THR A 480 38.65 -11.97 36.28
C THR A 480 39.66 -11.36 35.32
N ALA A 481 40.91 -11.28 35.78
CA ALA A 481 41.98 -10.78 34.93
C ALA A 481 42.17 -11.66 33.71
N GLU A 482 41.92 -12.96 33.85
CA GLU A 482 42.06 -13.87 32.73
C GLU A 482 40.94 -13.65 31.71
N GLU A 483 39.76 -13.25 32.18
CA GLU A 483 38.67 -12.94 31.28
C GLU A 483 38.91 -11.63 30.54
N GLU A 484 39.53 -10.64 31.19
CA GLU A 484 39.91 -9.43 30.47
C GLU A 484 40.91 -9.75 29.37
N ALA A 485 41.89 -10.61 29.67
CA ALA A 485 42.86 -10.98 28.64
C ALA A 485 42.19 -11.75 27.50
N LEU A 486 41.22 -12.60 27.83
CA LEU A 486 40.49 -13.31 26.78
C LEU A 486 39.70 -12.36 25.90
N SER A 487 38.96 -11.43 26.52
CA SER A 487 38.24 -10.43 25.75
C SER A 487 39.19 -9.63 24.85
N ARG A 488 40.35 -9.22 25.38
CA ARG A 488 41.30 -8.48 24.56
C ARG A 488 41.78 -9.32 23.39
N ARG A 489 42.07 -10.61 23.62
CA ARG A 489 42.46 -11.49 22.51
C ARG A 489 41.38 -11.53 21.45
N ILE A 490 40.13 -11.70 21.90
CA ILE A 490 39.01 -11.87 20.97
C ILE A 490 38.77 -10.59 20.18
N MET A 491 38.77 -9.44 20.87
CA MET A 491 38.62 -8.17 20.15
C MET A 491 39.74 -8.00 19.12
N HIS A 492 40.96 -8.38 19.47
CA HIS A 492 42.06 -8.21 18.53
C HIS A 492 41.95 -9.20 17.36
N TYR A 493 41.49 -10.43 17.63
CA TYR A 493 41.22 -11.34 16.52
C TYR A 493 40.16 -10.76 15.59
N TRP A 494 39.07 -10.24 16.16
CA TRP A 494 37.96 -9.74 15.36
C TRP A 494 38.39 -8.55 14.52
N ALA A 495 39.08 -7.59 15.14
CA ALA A 495 39.45 -6.36 14.44
C ALA A 495 40.58 -6.61 13.44
N THR A 496 41.57 -7.43 13.82
CA THR A 496 42.64 -7.76 12.87
C THR A 496 42.08 -8.49 11.67
N PHE A 497 41.15 -9.43 11.88
CA PHE A 497 40.47 -10.06 10.76
C PHE A 497 39.72 -9.01 9.92
N ALA A 498 38.99 -8.11 10.58
CA ALA A 498 38.29 -7.06 9.86
C ALA A 498 39.26 -6.22 9.02
N LYS A 499 40.41 -5.86 9.57
CA LYS A 499 41.41 -5.06 8.84
C LYS A 499 42.03 -5.82 7.66
N THR A 500 42.34 -7.11 7.82
CA THR A 500 43.23 -7.79 6.89
C THR A 500 42.67 -9.07 6.27
N GLY A 501 41.59 -9.65 6.80
CA GLY A 501 41.15 -10.97 6.38
C GLY A 501 41.84 -12.12 7.08
N ASN A 502 42.58 -11.83 8.15
CA ASN A 502 43.34 -12.81 8.88
C ASN A 502 43.34 -12.40 10.35
N PRO A 503 42.79 -13.22 11.26
CA PRO A 503 42.77 -12.84 12.68
C PRO A 503 44.15 -12.75 13.31
N ASN A 504 45.18 -13.30 12.66
CA ASN A 504 46.54 -13.33 13.20
C ASN A 504 47.35 -12.12 12.77
N GLU A 505 48.09 -11.56 13.71
CA GLU A 505 49.08 -10.55 13.37
C GLU A 505 50.34 -11.23 12.85
N PRO A 506 50.90 -10.77 11.74
CA PRO A 506 52.13 -11.38 11.22
C PRO A 506 53.30 -11.10 12.16
N HIS A 507 54.32 -11.94 12.02
CA HIS A 507 55.58 -11.75 12.72
C HIS A 507 55.39 -11.78 14.23
N SER A 508 54.14 -11.93 14.67
CA SER A 508 53.85 -12.08 16.09
C SER A 508 54.30 -13.45 16.58
N GLN A 509 54.46 -13.57 17.88
CA GLN A 509 54.99 -14.80 18.46
C GLN A 509 53.93 -15.60 19.21
N GLU A 510 52.66 -15.17 19.17
CA GLU A 510 51.62 -16.00 19.76
C GLU A 510 51.21 -17.09 18.77
N SER A 511 50.54 -18.10 19.32
CA SER A 511 50.07 -19.21 18.51
C SER A 511 49.13 -18.71 17.42
N LYS A 512 49.21 -19.33 16.25
CA LYS A 512 48.47 -18.89 15.08
C LYS A 512 47.19 -19.70 14.96
N TRP A 513 46.06 -19.00 14.91
CA TRP A 513 44.76 -19.52 14.53
C TRP A 513 44.83 -19.95 13.07
N PRO A 514 44.71 -21.25 12.77
CA PRO A 514 44.94 -21.70 11.40
C PRO A 514 43.70 -21.58 10.53
N LEU A 515 43.96 -21.49 9.23
CA LEU A 515 42.90 -21.59 8.23
C LEU A 515 42.15 -22.91 8.36
N PHE A 516 40.83 -22.83 8.39
CA PHE A 516 39.99 -24.00 8.17
C PHE A 516 40.08 -24.40 6.71
N THR A 517 40.42 -25.66 6.45
CA THR A 517 40.51 -26.14 5.07
C THR A 517 39.60 -27.34 4.87
N THR A 518 39.20 -27.55 3.61
CA THR A 518 38.37 -28.69 3.29
C THR A 518 38.96 -29.99 3.83
N LYS A 519 40.28 -30.18 3.71
CA LYS A 519 40.88 -31.45 4.07
C LYS A 519 41.12 -31.56 5.57
N GLU A 520 41.76 -30.56 6.18
CA GLU A 520 42.14 -30.69 7.58
C GLU A 520 41.08 -30.17 8.56
N GLN A 521 40.19 -29.27 8.14
CA GLN A 521 39.02 -28.86 8.93
C GLN A 521 39.39 -28.40 10.35
N LYS A 522 40.42 -27.59 10.46
CA LYS A 522 40.90 -27.15 11.77
C LYS A 522 40.11 -25.97 12.32
N PHE A 523 40.00 -25.92 13.65
CA PHE A 523 39.35 -24.85 14.39
C PHE A 523 40.11 -24.69 15.70
N ILE A 524 39.83 -23.59 16.41
CA ILE A 524 40.41 -23.35 17.73
C ILE A 524 39.31 -23.24 18.78
N ASP A 525 39.66 -23.59 20.02
CA ASP A 525 38.86 -23.21 21.18
C ASP A 525 39.16 -21.77 21.56
N LEU A 526 38.15 -21.07 22.08
CA LEU A 526 38.32 -19.74 22.66
C LEU A 526 37.96 -19.82 24.13
N ASN A 527 38.98 -19.77 24.99
CA ASN A 527 38.78 -19.80 26.43
C ASN A 527 40.03 -19.20 27.07
N THR A 528 40.13 -19.31 28.39
CA THR A 528 41.23 -18.66 29.10
C THR A 528 42.53 -19.46 29.05
N GLU A 529 42.51 -20.68 28.51
CA GLU A 529 43.70 -21.51 28.40
C GLU A 529 44.45 -21.22 27.11
N PRO A 530 45.74 -21.55 27.06
CA PRO A 530 46.48 -21.45 25.80
C PRO A 530 45.75 -22.16 24.67
N MET A 531 45.89 -21.61 23.46
CA MET A 531 45.14 -22.06 22.31
C MET A 531 45.47 -23.51 21.93
N LYS A 532 44.43 -24.30 21.73
CA LYS A 532 44.53 -25.64 21.16
C LYS A 532 43.86 -25.65 19.79
N VAL A 533 44.51 -26.29 18.83
CA VAL A 533 43.94 -26.53 17.51
C VAL A 533 43.27 -27.90 17.53
N HIS A 534 42.03 -27.97 17.05
CA HIS A 534 41.35 -29.25 16.86
C HIS A 534 40.89 -29.37 15.42
N GLN A 535 40.30 -30.53 15.10
CA GLN A 535 39.78 -30.81 13.77
C GLN A 535 38.39 -31.41 13.88
N ARG A 536 37.56 -31.13 12.86
CA ARG A 536 36.26 -31.79 12.67
C ARG A 536 35.33 -31.55 13.86
N LEU A 537 34.93 -30.29 14.00
CA LEU A 537 34.03 -29.88 15.08
C LEU A 537 32.73 -30.67 15.03
N ARG A 538 32.49 -31.43 16.10
CA ARG A 538 31.27 -32.25 16.30
C ARG A 538 30.86 -33.00 15.04
N VAL A 539 31.86 -33.62 14.41
CA VAL A 539 31.66 -34.25 13.10
C VAL A 539 30.68 -35.42 13.20
N GLN A 540 30.72 -36.17 14.32
CA GLN A 540 29.86 -37.36 14.42
C GLN A 540 28.38 -36.98 14.44
N MET A 541 27.99 -36.08 15.34
CA MET A 541 26.59 -35.65 15.38
C MET A 541 26.18 -34.88 14.12
N CYS A 542 27.11 -34.15 13.49
CA CYS A 542 26.70 -33.37 12.33
C CYS A 542 26.59 -34.21 11.06
N VAL A 543 27.29 -35.35 10.98
CA VAL A 543 26.91 -36.32 9.94
C VAL A 543 25.47 -36.75 10.13
N PHE A 544 25.06 -37.00 11.39
CA PHE A 544 23.68 -37.40 11.65
C PHE A 544 22.69 -36.31 11.23
N TRP A 545 22.93 -35.06 11.67
CA TRP A 545 22.00 -33.96 11.40
C TRP A 545 22.07 -33.45 9.97
N ASN A 546 23.25 -33.43 9.34
CA ASN A 546 23.35 -32.88 7.99
C ASN A 546 23.15 -33.93 6.90
N GLN A 547 23.44 -35.20 7.16
CA GLN A 547 23.30 -36.21 6.10
C GLN A 547 22.24 -37.26 6.39
N PHE A 548 22.32 -37.99 7.51
CA PHE A 548 21.43 -39.13 7.68
C PHE A 548 19.99 -38.72 7.96
N LEU A 549 19.76 -37.90 9.00
CA LEU A 549 18.38 -37.53 9.32
C LEU A 549 17.65 -36.88 8.16
N PRO A 550 18.23 -35.93 7.41
CA PRO A 550 17.52 -35.39 6.24
C PRO A 550 17.19 -36.44 5.20
N LYS A 551 18.11 -37.38 4.96
CA LYS A 551 17.78 -38.48 4.07
C LYS A 551 16.62 -39.30 4.63
N LEU A 552 16.63 -39.59 5.93
CA LEU A 552 15.55 -40.38 6.52
C LEU A 552 14.20 -39.69 6.39
N LEU A 553 14.16 -38.38 6.71
CA LEU A 553 12.88 -37.66 6.62
C LEU A 553 12.41 -37.53 5.18
N ASN A 554 13.34 -37.36 4.24
CA ASN A 554 12.96 -37.33 2.83
C ASN A 554 12.48 -38.70 2.35
N ALA A 555 13.01 -39.78 2.92
CA ALA A 555 12.58 -41.11 2.48
C ALA A 555 11.31 -41.55 3.19
N THR A 556 11.02 -40.97 4.35
CA THR A 556 9.80 -41.26 5.09
C THR A 556 9.03 -39.97 5.34
N SER B 25 -10.78 45.54 -14.52
CA SER B 25 -9.58 45.27 -15.31
C SER B 25 -9.34 43.77 -15.43
N GLU B 26 -8.74 43.18 -14.40
CA GLU B 26 -8.61 41.74 -14.36
C GLU B 26 -9.98 41.07 -14.24
N LEU B 27 -10.89 41.69 -13.50
CA LEU B 27 -12.23 41.18 -13.24
C LEU B 27 -13.27 41.65 -14.25
N LEU B 28 -12.90 42.55 -15.16
CA LEU B 28 -13.85 43.11 -16.11
C LEU B 28 -13.48 42.57 -17.49
N VAL B 29 -14.39 41.86 -18.11
CA VAL B 29 -14.12 41.12 -19.33
C VAL B 29 -15.23 41.41 -20.32
N ASN B 30 -14.88 41.79 -21.53
CA ASN B 30 -15.87 42.02 -22.57
C ASN B 30 -16.00 40.76 -23.42
N THR B 31 -17.19 40.19 -23.47
CA THR B 31 -17.44 38.98 -24.25
C THR B 31 -18.25 39.35 -25.48
N LYS B 32 -18.39 38.38 -26.38
CA LYS B 32 -19.18 38.62 -27.59
C LYS B 32 -20.65 38.88 -27.30
N SER B 33 -21.12 38.57 -26.09
CA SER B 33 -22.50 38.83 -25.71
C SER B 33 -22.64 40.07 -24.82
N GLY B 34 -21.54 40.62 -24.33
CA GLY B 34 -21.61 41.75 -23.42
C GLY B 34 -20.54 41.65 -22.36
N LYS B 35 -20.44 42.70 -21.53
CA LYS B 35 -19.44 42.75 -20.47
C LYS B 35 -19.90 42.01 -19.23
N VAL B 36 -18.92 41.44 -18.52
CA VAL B 36 -19.12 40.68 -17.29
CA VAL B 36 -19.15 40.70 -17.28
C VAL B 36 -18.14 41.20 -16.25
N MET B 37 -18.60 41.31 -15.00
CA MET B 37 -17.73 41.69 -13.89
C MET B 37 -17.64 40.52 -12.93
N GLY B 38 -16.45 39.94 -12.80
CA GLY B 38 -16.21 38.84 -11.88
C GLY B 38 -15.88 39.31 -10.49
N THR B 39 -15.31 38.40 -9.69
CA THR B 39 -15.05 38.63 -8.29
C THR B 39 -13.75 37.94 -7.91
N ARG B 40 -13.07 38.47 -6.90
CA ARG B 40 -11.78 37.94 -6.47
CA ARG B 40 -11.78 37.96 -6.45
C ARG B 40 -12.02 37.05 -5.25
N VAL B 41 -11.74 35.75 -5.41
CA VAL B 41 -12.05 34.79 -4.36
C VAL B 41 -10.77 34.26 -3.73
N PRO B 42 -10.73 34.09 -2.41
CA PRO B 42 -9.58 33.46 -1.79
C PRO B 42 -9.55 31.97 -2.12
N VAL B 43 -8.35 31.41 -2.11
CA VAL B 43 -8.15 29.99 -2.36
C VAL B 43 -6.84 29.60 -1.69
N LEU B 44 -6.93 28.76 -0.66
CA LEU B 44 -5.76 28.40 0.13
C LEU B 44 -5.06 29.67 0.60
N SER B 45 -3.79 29.87 0.26
CA SER B 45 -3.09 31.06 0.72
C SER B 45 -3.15 32.22 -0.27
N SER B 46 -3.94 32.12 -1.32
CA SER B 46 -3.84 33.04 -2.45
C SER B 46 -5.23 33.50 -2.89
N HIS B 47 -5.34 33.97 -4.12
CA HIS B 47 -6.60 34.43 -4.69
C HIS B 47 -6.63 34.05 -6.17
N ILE B 48 -7.84 33.89 -6.72
CA ILE B 48 -8.04 33.79 -8.16
C ILE B 48 -9.33 34.51 -8.52
N SER B 49 -9.56 34.64 -9.82
CA SER B 49 -10.73 35.33 -10.33
C SER B 49 -11.85 34.34 -10.60
N ALA B 50 -13.07 34.72 -10.22
CA ALA B 50 -14.25 33.90 -10.47
C ALA B 50 -15.27 34.71 -11.25
N PHE B 51 -15.81 34.11 -12.30
CA PHE B 51 -16.91 34.69 -13.06
C PHE B 51 -18.09 33.73 -12.93
N LEU B 52 -19.02 34.06 -12.04
CA LEU B 52 -20.09 33.14 -11.64
C LEU B 52 -21.42 33.56 -12.26
N GLY B 53 -22.11 32.59 -12.84
CA GLY B 53 -23.46 32.84 -13.30
C GLY B 53 -23.60 33.57 -14.61
N ILE B 54 -22.72 33.29 -15.57
CA ILE B 54 -22.79 33.93 -16.88
C ILE B 54 -23.86 33.23 -17.72
N PRO B 55 -24.80 33.97 -18.30
CA PRO B 55 -25.80 33.33 -19.16
C PRO B 55 -25.20 32.93 -20.50
N PHE B 56 -25.55 31.74 -20.99
CA PHE B 56 -25.14 31.34 -22.33
C PHE B 56 -26.33 31.03 -23.22
N ALA B 57 -27.54 31.04 -22.69
CA ALA B 57 -28.73 30.74 -23.47
C ALA B 57 -29.84 31.69 -23.07
N GLU B 58 -30.82 31.85 -23.95
CA GLU B 58 -32.06 32.49 -23.54
C GLU B 58 -32.77 31.61 -22.52
N PRO B 59 -33.42 32.21 -21.51
CA PRO B 59 -34.15 31.41 -20.53
C PRO B 59 -35.15 30.49 -21.22
N PRO B 60 -35.10 29.21 -20.96
CA PRO B 60 -35.98 28.26 -21.68
C PRO B 60 -37.34 28.12 -21.02
N VAL B 61 -38.06 29.25 -20.95
CA VAL B 61 -39.28 29.37 -20.15
C VAL B 61 -40.48 29.57 -21.06
N GLY B 62 -41.67 29.32 -20.50
CA GLY B 62 -42.89 29.63 -21.22
C GLY B 62 -43.07 28.73 -22.44
N ASN B 63 -43.29 29.35 -23.60
CA ASN B 63 -43.41 28.55 -24.82
C ASN B 63 -42.08 27.94 -25.27
N MET B 64 -40.98 28.22 -24.57
CA MET B 64 -39.69 27.61 -24.90
CA MET B 64 -39.68 27.62 -24.87
C MET B 64 -39.39 26.38 -24.06
N ARG B 65 -40.26 26.00 -23.14
CA ARG B 65 -40.07 24.77 -22.39
C ARG B 65 -40.13 23.59 -23.34
N PHE B 66 -39.13 22.70 -23.25
CA PHE B 66 -38.93 21.47 -24.01
C PHE B 66 -38.25 21.74 -25.35
N ARG B 67 -38.05 23.00 -25.73
CA ARG B 67 -37.44 23.38 -27.00
C ARG B 67 -35.93 23.44 -26.90
N ARG B 68 -35.30 23.33 -28.06
CA ARG B 68 -33.88 23.56 -28.24
C ARG B 68 -33.51 24.90 -27.66
N PRO B 69 -32.33 25.03 -27.07
CA PRO B 69 -31.91 26.34 -26.56
C PRO B 69 -31.65 27.33 -27.69
N GLU B 70 -31.79 28.62 -27.37
CA GLU B 70 -31.41 29.69 -28.26
C GLU B 70 -30.27 30.48 -27.64
N PRO B 71 -29.29 30.94 -28.42
CA PRO B 71 -28.18 31.71 -27.83
C PRO B 71 -28.71 32.88 -27.02
N LYS B 72 -27.96 33.23 -25.96
CA LYS B 72 -28.31 34.39 -25.16
C LYS B 72 -28.17 35.67 -25.97
N LYS B 73 -29.20 36.50 -25.97
CA LYS B 73 -29.15 37.76 -26.70
C LYS B 73 -28.22 38.73 -25.99
N PRO B 74 -27.41 39.49 -26.75
CA PRO B 74 -26.45 40.39 -26.13
C PRO B 74 -27.14 41.42 -25.25
N TRP B 75 -26.47 41.79 -24.15
CA TRP B 75 -27.00 42.73 -23.17
C TRP B 75 -26.09 43.95 -23.11
N SER B 76 -26.66 45.06 -22.65
CA SER B 76 -25.88 46.26 -22.43
C SER B 76 -25.53 46.36 -20.95
N GLY B 77 -24.58 47.23 -20.64
CA GLY B 77 -24.15 47.30 -19.26
C GLY B 77 -23.27 46.11 -18.89
N VAL B 78 -23.01 46.01 -17.59
CA VAL B 78 -22.09 45.03 -17.04
C VAL B 78 -22.90 43.94 -16.33
N TRP B 79 -22.72 42.69 -16.75
CA TRP B 79 -23.33 41.57 -16.04
C TRP B 79 -22.56 41.37 -14.75
N ASN B 80 -23.23 41.44 -13.61
CA ASN B 80 -22.62 41.19 -12.32
C ASN B 80 -22.46 39.66 -12.18
N ALA B 81 -21.24 39.19 -12.29
CA ALA B 81 -20.98 37.75 -12.25
C ALA B 81 -20.25 37.36 -10.97
N SER B 82 -20.72 37.90 -9.85
CA SER B 82 -20.08 37.64 -8.57
C SER B 82 -20.84 36.62 -7.74
N THR B 83 -21.89 36.02 -8.30
CA THR B 83 -22.84 35.24 -7.53
C THR B 83 -23.27 34.02 -8.34
N TYR B 84 -23.31 32.85 -7.68
CA TYR B 84 -23.79 31.65 -8.33
C TYR B 84 -25.20 31.87 -8.90
N PRO B 85 -25.51 31.28 -10.04
CA PRO B 85 -26.87 31.37 -10.60
C PRO B 85 -27.84 30.44 -9.86
N ASN B 86 -29.10 30.47 -10.30
CA ASN B 86 -30.08 29.48 -9.90
C ASN B 86 -29.69 28.10 -10.42
N ASN B 87 -30.26 27.06 -9.81
CA ASN B 87 -30.14 25.69 -10.31
C ASN B 87 -31.39 25.34 -11.11
N CYS B 88 -31.26 24.35 -12.00
CA CYS B 88 -32.40 23.93 -12.80
C CYS B 88 -33.42 23.18 -11.94
N GLN B 89 -34.67 23.15 -12.41
CA GLN B 89 -35.76 22.49 -11.70
C GLN B 89 -35.54 20.98 -11.64
N GLN B 90 -35.63 20.39 -10.44
CA GLN B 90 -35.31 18.98 -10.32
C GLN B 90 -35.94 18.40 -9.07
N TYR B 91 -36.10 17.07 -9.10
CA TYR B 91 -36.44 16.31 -7.91
C TYR B 91 -35.43 16.57 -6.80
N VAL B 92 -35.91 16.78 -5.58
CA VAL B 92 -35.05 17.08 -4.43
C VAL B 92 -35.15 15.93 -3.42
N ASP B 93 -34.01 15.33 -3.10
CA ASP B 93 -33.98 14.18 -2.19
C ASP B 93 -34.27 14.61 -0.76
N GLU B 94 -35.25 13.98 -0.12
CA GLU B 94 -35.61 14.23 1.27
CA GLU B 94 -35.47 14.25 1.30
C GLU B 94 -35.56 12.96 2.11
N GLN B 95 -34.81 11.96 1.67
CA GLN B 95 -34.75 10.68 2.36
C GLN B 95 -34.10 10.83 3.74
N PHE B 96 -32.99 11.56 3.82
CA PHE B 96 -32.26 11.78 5.07
C PHE B 96 -32.16 13.28 5.33
N PRO B 97 -33.26 13.91 5.78
CA PRO B 97 -33.26 15.37 5.96
C PRO B 97 -32.15 15.81 6.89
N GLY B 98 -31.38 16.82 6.44
CA GLY B 98 -30.30 17.34 7.26
C GLY B 98 -28.99 16.57 7.20
N PHE B 99 -28.96 15.39 6.57
CA PHE B 99 -27.75 14.57 6.54
C PHE B 99 -26.82 15.10 5.45
N SER B 100 -25.57 15.41 5.82
CA SER B 100 -24.67 16.06 4.88
C SER B 100 -24.33 15.16 3.71
N GLY B 101 -24.33 13.84 3.94
CA GLY B 101 -23.94 12.91 2.89
C GLY B 101 -24.88 12.90 1.70
N SER B 102 -26.16 13.16 1.93
CA SER B 102 -27.12 13.29 0.84
C SER B 102 -27.37 14.74 0.45
N GLU B 103 -27.37 15.68 1.40
CA GLU B 103 -27.71 17.05 1.05
C GLU B 103 -26.61 17.75 0.25
N MET B 104 -25.36 17.30 0.35
CA MET B 104 -24.29 17.81 -0.52
C MET B 104 -24.62 17.69 -2.01
N TRP B 105 -25.62 16.88 -2.37
CA TRP B 105 -26.01 16.70 -3.77
C TRP B 105 -27.24 17.51 -4.16
N ASN B 106 -27.95 18.06 -3.20
CA ASN B 106 -29.17 18.81 -3.47
C ASN B 106 -28.86 20.22 -3.99
N PRO B 107 -29.78 20.82 -4.74
CA PRO B 107 -29.60 22.23 -5.12
C PRO B 107 -29.33 23.08 -3.89
N ASN B 108 -28.24 23.86 -3.93
CA ASN B 108 -27.89 24.78 -2.86
C ASN B 108 -28.26 26.22 -3.22
N ARG B 109 -29.01 26.39 -4.31
CA ARG B 109 -29.53 27.67 -4.73
CA ARG B 109 -29.53 27.67 -4.73
C ARG B 109 -30.99 27.50 -5.08
N GLU B 110 -31.68 28.62 -5.28
CA GLU B 110 -33.08 28.55 -5.69
C GLU B 110 -33.18 27.85 -7.04
N MET B 111 -34.19 27.00 -7.18
CA MET B 111 -34.47 26.34 -8.44
C MET B 111 -35.30 27.24 -9.36
N SER B 112 -35.00 27.18 -10.65
CA SER B 112 -35.70 27.99 -11.64
C SER B 112 -35.50 27.34 -13.00
N GLU B 113 -36.51 27.48 -13.86
CA GLU B 113 -36.31 27.11 -15.26
C GLU B 113 -35.36 28.08 -15.95
N ASP B 114 -35.20 29.28 -15.41
CA ASP B 114 -34.17 30.22 -15.82
C ASP B 114 -32.87 29.77 -15.16
N CYS B 115 -32.19 28.80 -15.79
CA CYS B 115 -31.04 28.19 -15.14
C CYS B 115 -29.85 27.96 -16.06
N LEU B 116 -29.86 28.43 -17.30
CA LEU B 116 -28.78 28.11 -18.25
C LEU B 116 -27.64 29.11 -18.14
N TYR B 117 -26.73 28.83 -17.19
CA TYR B 117 -25.61 29.69 -16.86
C TYR B 117 -24.36 28.85 -16.70
N LEU B 118 -23.20 29.50 -16.81
CA LEU B 118 -21.93 28.82 -16.58
C LEU B 118 -21.05 29.66 -15.66
N ASN B 119 -20.05 28.99 -15.08
CA ASN B 119 -19.13 29.56 -14.12
C ASN B 119 -17.71 29.35 -14.60
N ILE B 120 -16.84 30.33 -14.34
CA ILE B 120 -15.44 30.27 -14.77
C ILE B 120 -14.54 30.68 -13.61
N TRP B 121 -13.48 29.91 -13.38
CA TRP B 121 -12.41 30.25 -12.47
C TRP B 121 -11.12 30.43 -13.26
N VAL B 122 -10.46 31.56 -13.07
CA VAL B 122 -9.33 31.97 -13.90
C VAL B 122 -8.15 32.25 -12.98
N PRO B 123 -7.00 31.62 -13.19
CA PRO B 123 -5.82 31.94 -12.36
C PRO B 123 -5.50 33.43 -12.38
N SER B 124 -4.95 33.90 -11.26
CA SER B 124 -4.52 35.28 -11.12
C SER B 124 -3.02 35.35 -10.87
N PRO B 125 -2.28 36.05 -11.75
CA PRO B 125 -2.83 36.83 -12.88
C PRO B 125 -3.32 36.02 -14.08
N ARG B 126 -4.17 36.65 -14.88
CA ARG B 126 -4.78 35.98 -16.03
C ARG B 126 -3.71 35.40 -16.96
N PRO B 127 -3.78 34.12 -17.29
CA PRO B 127 -2.84 33.54 -18.26
C PRO B 127 -3.11 34.08 -19.66
N LYS B 128 -2.18 33.80 -20.58
CA LYS B 128 -2.34 34.31 -21.93
C LYS B 128 -3.27 33.42 -22.75
N SER B 129 -2.94 32.13 -22.88
CA SER B 129 -3.90 31.16 -23.41
C SER B 129 -3.54 29.78 -22.85
N THR B 130 -4.18 29.42 -21.74
CA THR B 130 -3.88 28.16 -21.07
C THR B 130 -5.01 27.16 -21.27
N THR B 131 -4.74 25.92 -20.82
CA THR B 131 -5.66 24.80 -20.98
C THR B 131 -6.98 25.06 -20.29
N VAL B 132 -8.06 24.64 -20.95
CA VAL B 132 -9.44 24.81 -20.46
C VAL B 132 -10.03 23.45 -20.14
N MET B 133 -10.67 23.34 -18.96
CA MET B 133 -11.42 22.16 -18.57
C MET B 133 -12.85 22.58 -18.29
N VAL B 134 -13.80 21.85 -18.85
CA VAL B 134 -15.23 22.14 -18.74
C VAL B 134 -15.91 20.97 -18.05
N TRP B 135 -16.49 21.24 -16.86
CA TRP B 135 -17.14 20.25 -16.02
C TRP B 135 -18.63 20.11 -16.38
N ILE B 136 -19.08 18.88 -16.58
CA ILE B 136 -20.47 18.56 -16.88
C ILE B 136 -20.99 17.68 -15.73
N TYR B 137 -21.90 18.22 -14.91
CA TYR B 137 -22.34 17.46 -13.74
C TYR B 137 -23.18 16.27 -14.13
N GLY B 138 -23.14 15.25 -13.28
CA GLY B 138 -24.01 14.10 -13.41
C GLY B 138 -25.23 14.22 -12.51
N GLY B 139 -25.91 13.09 -12.34
CA GLY B 139 -27.15 13.05 -11.59
C GLY B 139 -28.26 12.36 -12.35
N GLY B 140 -27.93 11.35 -13.16
CA GLY B 140 -28.94 10.50 -13.78
C GLY B 140 -29.77 11.15 -14.87
N PHE B 141 -29.36 12.34 -15.34
CA PHE B 141 -30.13 13.23 -16.22
C PHE B 141 -31.41 13.74 -15.56
N TYR B 142 -31.61 13.49 -14.26
CA TYR B 142 -32.76 14.02 -13.54
C TYR B 142 -32.41 15.03 -12.46
N SER B 143 -31.14 15.22 -12.14
CA SER B 143 -30.72 16.13 -11.09
C SER B 143 -29.31 16.63 -11.42
N GLY B 144 -28.82 17.55 -10.60
CA GLY B 144 -27.48 18.09 -10.77
C GLY B 144 -27.46 19.62 -10.72
N SER B 145 -26.38 20.18 -10.17
CA SER B 145 -26.17 21.62 -10.15
C SER B 145 -24.70 21.90 -10.36
N SER B 146 -24.41 23.01 -11.04
CA SER B 146 -23.03 23.46 -11.21
C SER B 146 -22.46 24.06 -9.92
N THR B 147 -23.30 24.32 -8.94
CA THR B 147 -22.95 25.17 -7.81
C THR B 147 -22.67 24.42 -6.52
N LEU B 148 -22.69 23.09 -6.54
CA LEU B 148 -22.44 22.32 -5.34
C LEU B 148 -21.04 22.62 -4.80
N ASP B 149 -20.89 22.49 -3.48
CA ASP B 149 -19.59 22.67 -2.83
C ASP B 149 -18.53 21.78 -3.45
N VAL B 150 -18.88 20.53 -3.77
CA VAL B 150 -17.91 19.58 -4.29
C VAL B 150 -17.50 19.87 -5.74
N TYR B 151 -18.17 20.78 -6.44
CA TYR B 151 -17.75 21.19 -7.77
C TYR B 151 -17.07 22.55 -7.79
N ASN B 152 -16.72 23.09 -6.64
CA ASN B 152 -16.05 24.38 -6.57
C ASN B 152 -14.72 24.32 -7.31
N GLY B 153 -14.60 25.12 -8.38
CA GLY B 153 -13.46 24.99 -9.25
C GLY B 153 -12.19 25.70 -8.85
N LYS B 154 -12.16 26.39 -7.71
CA LYS B 154 -11.03 27.24 -7.43
C LYS B 154 -9.77 26.44 -7.07
N TYR B 155 -9.92 25.29 -6.42
CA TYR B 155 -8.73 24.53 -6.04
C TYR B 155 -8.01 23.97 -7.27
N LEU B 156 -8.75 23.43 -8.22
CA LEU B 156 -8.12 22.88 -9.41
C LEU B 156 -7.56 23.98 -10.29
N ALA B 157 -8.31 25.10 -10.44
CA ALA B 157 -7.82 26.19 -11.27
C ALA B 157 -6.55 26.80 -10.69
N TYR B 158 -6.49 26.97 -9.38
CA TYR B 158 -5.32 27.56 -8.75
C TYR B 158 -4.14 26.60 -8.78
N THR B 159 -4.36 25.34 -8.38
CA THR B 159 -3.25 24.41 -8.21
C THR B 159 -2.62 24.00 -9.53
N GLU B 160 -3.45 23.79 -10.56
CA GLU B 160 -2.93 23.33 -11.84
C GLU B 160 -2.91 24.42 -12.91
N GLU B 161 -3.24 25.66 -12.57
CA GLU B 161 -3.17 26.79 -13.51
CA GLU B 161 -3.19 26.79 -13.50
C GLU B 161 -3.93 26.47 -14.80
N VAL B 162 -5.19 26.05 -14.64
CA VAL B 162 -6.08 25.88 -15.77
C VAL B 162 -7.23 26.87 -15.60
N VAL B 163 -7.92 27.14 -16.70
CA VAL B 163 -9.19 27.86 -16.68
C VAL B 163 -10.30 26.82 -16.56
N LEU B 164 -11.03 26.85 -15.46
CA LEU B 164 -12.02 25.82 -15.14
C LEU B 164 -13.42 26.39 -15.34
N VAL B 165 -14.19 25.74 -16.21
CA VAL B 165 -15.57 26.10 -16.51
C VAL B 165 -16.48 24.99 -15.99
N SER B 166 -17.59 25.37 -15.35
CA SER B 166 -18.68 24.43 -15.11
C SER B 166 -19.94 24.95 -15.80
N LEU B 167 -20.54 24.12 -16.65
CA LEU B 167 -21.77 24.48 -17.36
C LEU B 167 -22.98 23.96 -16.61
N SER B 168 -24.16 24.25 -17.13
CA SER B 168 -25.42 23.69 -16.63
C SER B 168 -26.24 23.25 -17.82
N TYR B 169 -27.27 22.46 -17.55
CA TYR B 169 -28.17 21.98 -18.60
C TYR B 169 -29.46 21.50 -17.94
N ARG B 170 -30.56 21.62 -18.68
CA ARG B 170 -31.86 21.17 -18.20
C ARG B 170 -31.85 19.67 -17.94
N VAL B 171 -32.48 19.27 -16.84
CA VAL B 171 -32.56 17.87 -16.45
C VAL B 171 -34.04 17.46 -16.38
N GLY B 172 -34.27 16.16 -16.29
CA GLY B 172 -35.61 15.63 -16.20
C GLY B 172 -36.41 15.92 -17.47
N ALA B 173 -37.74 15.97 -17.29
CA ALA B 173 -38.63 16.27 -18.40
C ALA B 173 -38.26 17.58 -19.11
N PHE B 174 -37.77 18.57 -18.37
CA PHE B 174 -37.43 19.85 -18.97
C PHE B 174 -36.28 19.73 -19.97
N GLY B 175 -35.43 18.73 -19.81
CA GLY B 175 -34.29 18.62 -20.70
C GLY B 175 -34.40 17.46 -21.66
N PHE B 176 -35.28 16.50 -21.38
CA PHE B 176 -35.23 15.27 -22.15
C PHE B 176 -36.60 14.67 -22.46
N LEU B 177 -37.69 15.42 -22.27
CA LEU B 177 -38.96 14.99 -22.83
C LEU B 177 -38.79 14.86 -24.34
N ALA B 178 -39.20 13.72 -24.89
CA ALA B 178 -38.90 13.41 -26.28
C ALA B 178 -40.14 12.90 -27.00
N LEU B 179 -40.63 13.70 -27.93
CA LEU B 179 -41.77 13.35 -28.79
C LEU B 179 -41.27 13.44 -30.24
N HIS B 180 -40.58 12.39 -30.69
CA HIS B 180 -39.86 12.46 -31.96
C HIS B 180 -40.80 12.76 -33.11
N GLY B 181 -40.39 13.68 -33.97
CA GLY B 181 -41.24 14.24 -35.00
C GLY B 181 -41.72 15.64 -34.65
N SER B 182 -41.87 15.94 -33.36
CA SER B 182 -42.17 17.29 -32.95
C SER B 182 -40.90 18.12 -32.95
N GLN B 183 -41.00 19.35 -33.41
CA GLN B 183 -39.93 20.31 -33.23
C GLN B 183 -40.12 21.14 -31.97
N GLU B 184 -41.22 20.93 -31.24
CA GLU B 184 -41.46 21.66 -30.00
C GLU B 184 -40.89 20.95 -28.79
N ALA B 185 -40.95 19.62 -28.80
CA ALA B 185 -40.30 18.78 -27.78
C ALA B 185 -39.58 17.66 -28.51
N PRO B 186 -38.44 17.96 -29.14
CA PRO B 186 -37.75 16.94 -29.94
C PRO B 186 -36.99 15.92 -29.11
N GLY B 187 -36.62 16.24 -27.88
CA GLY B 187 -35.71 15.42 -27.13
C GLY B 187 -34.28 15.95 -27.22
N ASN B 188 -33.45 15.45 -26.31
CA ASN B 188 -32.02 15.76 -26.23
C ASN B 188 -31.72 17.24 -26.00
N VAL B 189 -32.69 18.07 -25.60
CA VAL B 189 -32.41 19.50 -25.54
C VAL B 189 -31.45 19.82 -24.39
N GLY B 190 -31.40 18.99 -23.35
CA GLY B 190 -30.35 19.14 -22.35
C GLY B 190 -28.96 18.90 -22.91
N LEU B 191 -28.81 17.93 -23.82
CA LEU B 191 -27.53 17.77 -24.52
C LEU B 191 -27.21 18.98 -25.39
N LEU B 192 -28.22 19.61 -25.99
CA LEU B 192 -28.00 20.84 -26.74
C LEU B 192 -27.67 22.02 -25.85
N ASP B 193 -28.23 22.06 -24.63
CA ASP B 193 -27.79 23.05 -23.65
C ASP B 193 -26.29 22.94 -23.42
N GLN B 194 -25.81 21.72 -23.14
CA GLN B 194 -24.37 21.50 -22.97
C GLN B 194 -23.61 21.97 -24.22
N ARG B 195 -24.05 21.57 -25.41
CA ARG B 195 -23.38 21.99 -26.64
C ARG B 195 -23.31 23.51 -26.73
N MET B 196 -24.39 24.20 -26.35
CA MET B 196 -24.37 25.64 -26.49
C MET B 196 -23.41 26.30 -25.51
N ALA B 197 -23.25 25.73 -24.31
CA ALA B 197 -22.22 26.26 -23.42
C ALA B 197 -20.83 26.01 -24.00
N LEU B 198 -20.62 24.83 -24.61
CA LEU B 198 -19.35 24.57 -25.29
C LEU B 198 -19.12 25.54 -26.45
N GLN B 199 -20.16 25.82 -27.23
CA GLN B 199 -20.03 26.85 -28.27
C GLN B 199 -19.67 28.20 -27.66
N TRP B 200 -20.26 28.56 -26.52
CA TRP B 200 -19.90 29.81 -25.85
C TRP B 200 -18.44 29.81 -25.45
N VAL B 201 -17.95 28.69 -24.90
CA VAL B 201 -16.55 28.58 -24.52
C VAL B 201 -15.66 28.75 -25.76
N HIS B 202 -16.03 28.09 -26.86
CA HIS B 202 -15.28 28.20 -28.10
C HIS B 202 -15.18 29.64 -28.59
N ASP B 203 -16.27 30.41 -28.45
CA ASP B 203 -16.28 31.79 -28.93
C ASP B 203 -15.69 32.79 -27.94
N ASN B 204 -15.69 32.49 -26.64
CA ASN B 204 -15.42 33.53 -25.66
C ASN B 204 -14.26 33.25 -24.71
N ILE B 205 -13.80 32.01 -24.58
CA ILE B 205 -12.89 31.72 -23.47
C ILE B 205 -11.54 32.37 -23.68
N GLN B 206 -11.17 32.69 -24.93
CA GLN B 206 -9.96 33.46 -25.19
C GLN B 206 -9.95 34.77 -24.41
N PHE B 207 -11.12 35.32 -24.08
CA PHE B 207 -11.14 36.61 -23.39
C PHE B 207 -10.86 36.44 -21.90
N PHE B 208 -10.85 35.20 -21.40
CA PHE B 208 -10.53 34.90 -20.01
C PHE B 208 -9.14 34.28 -19.88
N GLY B 209 -8.36 34.25 -20.95
CA GLY B 209 -7.06 33.64 -20.89
C GLY B 209 -7.04 32.17 -21.20
N GLY B 210 -8.12 31.63 -21.78
CA GLY B 210 -8.22 30.23 -22.10
C GLY B 210 -7.99 30.00 -23.59
N ASP B 211 -7.42 28.84 -23.91
CA ASP B 211 -7.14 28.48 -25.28
C ASP B 211 -8.28 27.63 -25.81
N PRO B 212 -9.11 28.15 -26.73
CA PRO B 212 -10.23 27.36 -27.25
C PRO B 212 -9.81 26.16 -28.09
N LYS B 213 -8.53 26.03 -28.40
CA LYS B 213 -8.01 24.85 -29.09
C LYS B 213 -7.56 23.77 -28.13
N THR B 214 -7.62 24.02 -26.81
CA THR B 214 -7.21 23.03 -25.83
C THR B 214 -8.28 22.95 -24.71
N VAL B 215 -9.48 22.55 -25.10
CA VAL B 215 -10.62 22.38 -24.18
C VAL B 215 -10.80 20.88 -23.89
N THR B 216 -10.74 20.52 -22.61
CA THR B 216 -11.11 19.18 -22.15
C THR B 216 -12.47 19.23 -21.48
N ILE B 217 -13.39 18.40 -21.95
CA ILE B 217 -14.67 18.22 -21.26
C ILE B 217 -14.55 17.02 -20.34
N PHE B 218 -15.06 17.16 -19.11
CA PHE B 218 -15.06 16.05 -18.17
C PHE B 218 -16.32 16.09 -17.33
N GLY B 219 -16.79 14.90 -16.96
CA GLY B 219 -18.01 14.79 -16.17
C GLY B 219 -18.08 13.42 -15.55
N GLU B 220 -18.96 13.32 -14.56
CA GLU B 220 -19.17 12.10 -13.80
C GLU B 220 -20.62 11.66 -13.97
N SER B 221 -20.83 10.34 -13.94
CA SER B 221 -22.16 9.73 -14.00
C SER B 221 -22.83 10.17 -15.29
N ALA B 222 -23.99 10.84 -15.26
CA ALA B 222 -24.61 11.30 -16.51
C ALA B 222 -23.73 12.31 -17.23
N GLY B 223 -22.95 13.10 -16.49
CA GLY B 223 -21.96 13.95 -17.14
C GLY B 223 -20.94 13.15 -17.94
N GLY B 224 -20.56 11.98 -17.44
CA GLY B 224 -19.59 11.16 -18.16
C GLY B 224 -20.21 10.49 -19.37
N ALA B 225 -21.45 10.02 -19.24
CA ALA B 225 -22.20 9.61 -20.42
C ALA B 225 -22.30 10.77 -21.41
N SER B 226 -22.60 11.99 -20.93
CA SER B 226 -22.75 13.15 -21.80
C SER B 226 -21.48 13.38 -22.60
N VAL B 227 -20.32 13.38 -21.91
CA VAL B 227 -19.02 13.53 -22.56
C VAL B 227 -18.88 12.54 -23.70
N GLY B 228 -19.18 11.27 -23.44
CA GLY B 228 -19.13 10.28 -24.50
C GLY B 228 -20.09 10.56 -25.62
N MET B 229 -21.24 11.17 -25.31
CA MET B 229 -22.22 11.44 -26.35
C MET B 229 -21.78 12.57 -27.25
N HIS B 230 -21.02 13.54 -26.70
CA HIS B 230 -20.45 14.59 -27.53
C HIS B 230 -19.32 14.07 -28.40
N ILE B 231 -18.58 13.07 -27.90
CA ILE B 231 -17.60 12.37 -28.73
C ILE B 231 -18.30 11.75 -29.93
N LEU B 232 -19.47 11.15 -29.71
CA LEU B 232 -20.18 10.47 -30.79
C LEU B 232 -20.84 11.44 -31.75
N SER B 233 -21.45 12.51 -31.24
CA SER B 233 -22.36 13.33 -32.04
C SER B 233 -21.57 14.26 -32.95
N PRO B 234 -21.74 14.19 -34.28
CA PRO B 234 -20.98 15.08 -35.19
C PRO B 234 -21.11 16.56 -34.86
N GLY B 235 -22.30 17.02 -34.47
CA GLY B 235 -22.45 18.42 -34.12
C GLY B 235 -21.74 18.85 -32.86
N SER B 236 -21.13 17.93 -32.12
CA SER B 236 -20.38 18.32 -30.93
C SER B 236 -18.87 18.26 -31.11
N ARG B 237 -18.38 17.44 -32.03
CA ARG B 237 -16.98 17.00 -32.01
C ARG B 237 -15.99 18.16 -32.08
N ASP B 238 -16.30 19.18 -32.87
CA ASP B 238 -15.31 20.23 -33.09
C ASP B 238 -15.30 21.28 -31.97
N LEU B 239 -16.05 21.10 -30.89
CA LEU B 239 -16.13 22.08 -29.82
C LEU B 239 -15.28 21.73 -28.60
N PHE B 240 -14.39 20.74 -28.70
CA PHE B 240 -13.51 20.39 -27.59
C PHE B 240 -12.38 19.55 -28.15
N ARG B 241 -11.29 19.44 -27.38
CA ARG B 241 -10.07 18.78 -27.83
C ARG B 241 -9.97 17.32 -27.35
N ARG B 242 -10.22 17.07 -26.06
CA ARG B 242 -10.17 15.71 -25.52
C ARG B 242 -11.20 15.57 -24.41
N ALA B 243 -11.23 14.39 -23.77
CA ALA B 243 -12.37 14.02 -22.93
C ALA B 243 -11.98 13.11 -21.76
N ILE B 244 -12.65 13.35 -20.63
CA ILE B 244 -12.52 12.56 -19.41
C ILE B 244 -13.90 12.08 -18.99
N LEU B 245 -14.05 10.78 -18.75
CA LEU B 245 -15.32 10.17 -18.37
C LEU B 245 -15.19 9.45 -17.04
N GLN B 246 -15.97 9.85 -16.05
CA GLN B 246 -15.89 9.28 -14.69
C GLN B 246 -17.19 8.53 -14.37
N SER B 247 -17.12 7.21 -14.25
CA SER B 247 -18.26 6.40 -13.79
C SER B 247 -19.49 6.60 -14.67
N GLY B 248 -19.28 6.70 -15.97
CA GLY B 248 -20.40 6.80 -16.88
C GLY B 248 -19.91 6.74 -18.30
N SER B 249 -20.73 6.25 -19.22
CA SER B 249 -20.35 6.18 -20.62
C SER B 249 -21.63 6.19 -21.46
N PRO B 250 -21.54 6.57 -22.73
CA PRO B 250 -22.78 6.86 -23.49
C PRO B 250 -23.63 5.63 -23.72
N ASN B 251 -23.05 4.43 -23.67
CA ASN B 251 -23.76 3.20 -23.93
C ASN B 251 -24.36 2.56 -22.68
N CYS B 252 -24.31 3.23 -21.53
CA CYS B 252 -24.89 2.66 -20.32
C CYS B 252 -26.37 2.38 -20.51
N PRO B 253 -26.89 1.32 -19.89
CA PRO B 253 -28.30 0.94 -20.12
C PRO B 253 -29.28 1.98 -19.62
N TRP B 254 -28.89 2.81 -18.66
CA TRP B 254 -29.72 3.89 -18.14
C TRP B 254 -29.58 5.19 -18.91
N ALA B 255 -28.63 5.29 -19.84
CA ALA B 255 -28.26 6.59 -20.39
C ALA B 255 -29.04 7.00 -21.63
N SER B 256 -29.81 6.10 -22.25
CA SER B 256 -30.62 6.48 -23.39
C SER B 256 -31.85 5.58 -23.52
N VAL B 257 -32.78 6.01 -24.37
CA VAL B 257 -33.97 5.24 -24.73
C VAL B 257 -34.23 5.42 -26.22
N SER B 258 -35.06 4.52 -26.76
CA SER B 258 -35.52 4.62 -28.14
C SER B 258 -36.55 5.74 -28.28
N VAL B 259 -36.75 6.20 -29.53
CA VAL B 259 -37.79 7.20 -29.77
C VAL B 259 -39.14 6.67 -29.30
N ALA B 260 -39.38 5.37 -29.48
CA ALA B 260 -40.67 4.80 -29.10
C ALA B 260 -40.86 4.80 -27.58
N GLU B 261 -39.81 4.43 -26.83
CA GLU B 261 -39.93 4.45 -25.38
C GLU B 261 -39.95 5.87 -24.85
N GLY B 262 -39.19 6.78 -25.49
CA GLY B 262 -39.28 8.19 -25.12
C GLY B 262 -40.67 8.76 -25.33
N ARG B 263 -41.28 8.44 -26.47
CA ARG B 263 -42.65 8.87 -26.73
C ARG B 263 -43.60 8.30 -25.69
N ARG B 264 -43.48 7.00 -25.43
CA ARG B 264 -44.37 6.36 -24.45
C ARG B 264 -44.26 7.05 -23.10
N ARG B 265 -43.06 7.39 -22.66
CA ARG B 265 -42.93 8.01 -21.35
C ARG B 265 -43.46 9.44 -21.36
N ALA B 266 -43.33 10.15 -22.49
CA ALA B 266 -43.88 11.50 -22.54
C ALA B 266 -45.41 11.45 -22.47
N VAL B 267 -46.01 10.51 -23.17
CA VAL B 267 -47.46 10.35 -23.16
C VAL B 267 -47.93 9.91 -21.77
N GLU B 268 -47.14 9.10 -21.09
CA GLU B 268 -47.50 8.69 -19.74
C GLU B 268 -47.40 9.86 -18.75
N LEU B 269 -46.49 10.80 -19.01
CA LEU B 269 -46.43 12.01 -18.18
C LEU B 269 -47.72 12.80 -18.33
N GLY B 270 -48.21 12.94 -19.56
CA GLY B 270 -49.49 13.59 -19.77
C GLY B 270 -50.64 12.87 -19.08
N ARG B 271 -50.66 11.54 -19.18
CA ARG B 271 -51.74 10.79 -18.56
C ARG B 271 -51.77 10.98 -17.05
N ASN B 272 -50.59 10.99 -16.42
CA ASN B 272 -50.53 11.26 -14.97
C ASN B 272 -51.03 12.65 -14.60
N LEU B 273 -51.11 13.57 -15.55
CA LEU B 273 -51.49 14.94 -15.27
C LEU B 273 -52.79 15.34 -15.95
N ASN B 274 -53.56 14.36 -16.44
CA ASN B 274 -54.87 14.60 -17.06
C ASN B 274 -54.75 15.51 -18.28
N CYS B 275 -53.73 15.26 -19.10
CA CYS B 275 -53.54 16.01 -20.32
C CYS B 275 -54.32 15.39 -21.48
N ASN B 276 -54.74 16.26 -22.40
CA ASN B 276 -55.21 15.81 -23.70
C ASN B 276 -54.08 15.06 -24.40
N LEU B 277 -54.32 13.81 -24.78
CA LEU B 277 -53.27 12.98 -25.36
C LEU B 277 -53.47 12.72 -26.85
N ASN B 278 -54.30 13.53 -27.52
CA ASN B 278 -54.69 13.23 -28.89
C ASN B 278 -53.62 13.58 -29.90
N SER B 279 -52.81 14.61 -29.63
CA SER B 279 -51.73 14.96 -30.54
C SER B 279 -50.56 15.50 -29.74
N ASP B 280 -49.38 15.48 -30.37
CA ASP B 280 -48.22 16.09 -29.76
C ASP B 280 -48.50 17.53 -29.35
N GLU B 281 -49.17 18.30 -30.24
CA GLU B 281 -49.33 19.73 -29.98
C GLU B 281 -50.17 19.98 -28.74
N GLU B 282 -51.24 19.19 -28.54
CA GLU B 282 -52.09 19.40 -27.36
C GLU B 282 -51.42 18.88 -26.10
N LEU B 283 -50.79 17.70 -26.19
CA LEU B 283 -50.02 17.18 -25.06
C LEU B 283 -48.96 18.18 -24.62
N ILE B 284 -48.15 18.65 -25.57
CA ILE B 284 -47.12 19.65 -25.27
C ILE B 284 -47.75 20.91 -24.70
N HIS B 285 -48.82 21.40 -25.33
CA HIS B 285 -49.44 22.63 -24.82
C HIS B 285 -49.92 22.45 -23.39
N CYS B 286 -50.51 21.28 -23.08
CA CYS B 286 -50.94 20.97 -21.73
C CYS B 286 -49.77 20.97 -20.75
N LEU B 287 -48.68 20.30 -21.12
CA LEU B 287 -47.53 20.21 -20.22
C LEU B 287 -46.85 21.55 -20.00
N ARG B 288 -46.90 22.45 -20.99
CA ARG B 288 -46.35 23.79 -20.82
C ARG B 288 -47.16 24.65 -19.88
N GLU B 289 -48.43 24.30 -19.63
CA GLU B 289 -49.25 25.06 -18.69
C GLU B 289 -48.98 24.71 -17.25
N LYS B 290 -48.30 23.60 -16.99
CA LYS B 290 -48.12 23.13 -15.63
C LYS B 290 -46.98 23.86 -14.94
N LYS B 291 -47.12 24.02 -13.63
CA LYS B 291 -46.01 24.49 -12.82
CA LYS B 291 -46.00 24.49 -12.84
C LYS B 291 -44.88 23.44 -12.87
N PRO B 292 -43.62 23.87 -12.71
CA PRO B 292 -42.52 22.90 -12.79
C PRO B 292 -42.65 21.75 -11.81
N GLN B 293 -43.13 22.02 -10.59
CA GLN B 293 -43.21 20.99 -9.58
C GLN B 293 -44.29 19.96 -9.86
N GLU B 294 -45.27 20.30 -10.70
CA GLU B 294 -46.29 19.31 -11.04
C GLU B 294 -45.71 18.22 -11.94
N LEU B 295 -44.77 18.59 -12.82
CA LEU B 295 -44.09 17.57 -13.60
C LEU B 295 -43.17 16.74 -12.72
N ILE B 296 -42.36 17.41 -11.91
CA ILE B 296 -41.42 16.71 -11.04
C ILE B 296 -42.14 15.69 -10.17
N ASP B 297 -43.30 16.08 -9.61
CA ASP B 297 -43.99 15.22 -8.64
C ASP B 297 -44.39 13.87 -9.22
N VAL B 298 -44.53 13.76 -10.54
CA VAL B 298 -44.96 12.51 -11.16
C VAL B 298 -43.86 11.90 -12.04
N GLU B 299 -42.65 12.46 -11.99
CA GLU B 299 -41.58 12.06 -12.92
C GLU B 299 -41.30 10.56 -12.87
N TRP B 300 -41.12 10.02 -11.65
CA TRP B 300 -40.75 8.61 -11.50
C TRP B 300 -41.86 7.64 -11.92
N ASN B 301 -43.10 8.11 -12.06
CA ASN B 301 -44.22 7.23 -12.38
C ASN B 301 -44.21 6.71 -13.81
N VAL B 302 -43.40 7.29 -14.72
CA VAL B 302 -43.46 6.87 -16.11
C VAL B 302 -42.52 5.72 -16.43
N LEU B 303 -41.70 5.29 -15.47
CA LEU B 303 -40.78 4.19 -15.73
C LEU B 303 -41.57 2.92 -16.04
N PRO B 304 -41.08 2.09 -16.97
CA PRO B 304 -41.82 0.87 -17.30
C PRO B 304 -41.84 -0.17 -16.19
N PHE B 305 -40.81 -0.22 -15.34
CA PHE B 305 -40.68 -1.31 -14.37
C PHE B 305 -40.28 -0.76 -13.01
N ASP B 306 -40.65 -1.49 -11.97
CA ASP B 306 -39.94 -1.36 -10.70
C ASP B 306 -38.47 -1.63 -10.94
N SER B 307 -37.61 -0.72 -10.49
CA SER B 307 -36.22 -0.79 -10.91
C SER B 307 -35.36 0.07 -9.98
N ILE B 308 -34.05 -0.16 -10.05
CA ILE B 308 -33.06 0.77 -9.53
C ILE B 308 -32.10 1.11 -10.66
N PHE B 309 -31.46 2.27 -10.53
CA PHE B 309 -30.52 2.76 -11.56
C PHE B 309 -31.22 2.89 -12.92
N ARG B 310 -32.48 3.35 -12.88
CA ARG B 310 -33.21 3.69 -14.09
C ARG B 310 -33.90 5.04 -13.88
N PHE B 311 -33.88 5.87 -14.92
CA PHE B 311 -34.34 7.25 -14.82
C PHE B 311 -35.30 7.56 -15.96
N SER B 312 -36.25 8.47 -15.70
CA SER B 312 -37.38 8.62 -16.60
C SER B 312 -37.02 9.34 -17.90
N PHE B 313 -36.35 10.49 -17.83
CA PHE B 313 -36.17 11.33 -19.01
C PHE B 313 -34.68 11.48 -19.31
N VAL B 314 -34.24 10.81 -20.37
CA VAL B 314 -32.83 10.68 -20.71
C VAL B 314 -32.68 10.89 -22.23
N PRO B 315 -31.46 11.02 -22.75
CA PRO B 315 -31.27 11.12 -24.20
C PRO B 315 -32.03 10.06 -25.00
N VAL B 316 -32.41 10.43 -26.23
CA VAL B 316 -33.10 9.56 -27.17
C VAL B 316 -32.21 9.30 -28.38
N ILE B 317 -32.23 8.06 -28.86
CA ILE B 317 -31.50 7.69 -30.07
C ILE B 317 -32.36 8.11 -31.25
N ASP B 318 -32.09 9.30 -31.79
CA ASP B 318 -33.05 10.07 -32.58
C ASP B 318 -32.73 10.17 -34.07
N GLY B 319 -31.55 9.75 -34.52
CA GLY B 319 -31.21 9.94 -35.92
C GLY B 319 -30.71 11.33 -36.27
N GLU B 320 -30.54 12.22 -35.29
CA GLU B 320 -30.04 13.56 -35.60
C GLU B 320 -28.86 13.92 -34.70
N PHE B 321 -29.08 14.10 -33.39
CA PHE B 321 -27.95 14.22 -32.48
C PHE B 321 -27.08 12.95 -32.51
N PHE B 322 -27.71 11.79 -32.61
CA PHE B 322 -27.00 10.55 -32.88
C PHE B 322 -27.41 10.06 -34.25
N PRO B 323 -26.50 10.01 -35.22
CA PRO B 323 -26.90 9.54 -36.56
C PRO B 323 -27.49 8.14 -36.57
N THR B 324 -26.80 7.15 -35.98
CA THR B 324 -27.35 5.81 -35.89
C THR B 324 -27.25 5.28 -34.47
N SER B 325 -27.51 3.99 -34.28
CA SER B 325 -27.36 3.37 -32.98
C SER B 325 -25.95 3.59 -32.44
N LEU B 326 -25.85 3.73 -31.12
CA LEU B 326 -24.53 3.93 -30.52
C LEU B 326 -23.61 2.75 -30.83
N GLU B 327 -24.14 1.53 -30.90
CA GLU B 327 -23.28 0.37 -31.14
C GLU B 327 -22.75 0.36 -32.58
N SER B 328 -23.57 0.78 -33.54
CA SER B 328 -23.06 0.83 -34.91
C SER B 328 -22.04 1.96 -35.09
N MET B 329 -22.27 3.12 -34.45
CA MET B 329 -21.27 4.18 -34.50
C MET B 329 -19.95 3.73 -33.88
N LEU B 330 -20.02 3.03 -32.74
CA LEU B 330 -18.81 2.50 -32.12
C LEU B 330 -18.10 1.50 -33.03
N ASN B 331 -18.85 0.62 -33.68
CA ASN B 331 -18.24 -0.41 -34.51
C ASN B 331 -17.55 0.20 -35.73
N SER B 332 -18.15 1.21 -36.34
CA SER B 332 -17.61 1.77 -37.57
C SER B 332 -16.55 2.84 -37.32
N GLY B 333 -16.30 3.22 -36.07
CA GLY B 333 -15.40 4.34 -35.82
C GLY B 333 -16.00 5.70 -36.11
N ASN B 334 -17.32 5.81 -36.15
CA ASN B 334 -17.99 7.08 -36.42
C ASN B 334 -18.09 7.88 -35.12
N PHE B 335 -16.97 8.49 -34.75
CA PHE B 335 -16.88 9.31 -33.55
C PHE B 335 -15.57 10.09 -33.62
N LYS B 336 -15.44 11.07 -32.73
CA LYS B 336 -14.22 11.87 -32.66
C LYS B 336 -13.04 11.03 -32.21
N LYS B 337 -11.92 11.12 -32.94
CA LYS B 337 -10.73 10.36 -32.63
C LYS B 337 -9.74 11.27 -31.91
N THR B 338 -9.54 11.03 -30.63
CA THR B 338 -8.65 11.87 -29.84
C THR B 338 -8.14 11.03 -28.67
N GLN B 339 -7.72 11.67 -27.58
CA GLN B 339 -7.31 10.97 -26.37
C GLN B 339 -8.41 11.04 -25.33
N ILE B 340 -8.59 9.94 -24.59
CA ILE B 340 -9.56 9.87 -23.50
C ILE B 340 -8.91 9.28 -22.26
N LEU B 341 -9.43 9.70 -21.11
CA LEU B 341 -9.05 9.21 -19.80
C LEU B 341 -10.35 8.93 -19.05
N LEU B 342 -10.48 7.72 -18.51
CA LEU B 342 -11.76 7.31 -17.95
C LEU B 342 -11.55 6.22 -16.92
N GLY B 343 -12.59 5.98 -16.13
CA GLY B 343 -12.50 4.94 -15.11
C GLY B 343 -13.75 4.90 -14.27
N VAL B 344 -13.68 4.09 -13.21
CA VAL B 344 -14.84 3.71 -12.39
C VAL B 344 -14.39 3.61 -10.94
N ASN B 345 -15.38 3.54 -10.04
CA ASN B 345 -15.14 3.37 -8.63
C ASN B 345 -15.42 1.90 -8.25
N LYS B 346 -14.88 1.49 -7.10
CA LYS B 346 -14.98 0.07 -6.77
C LYS B 346 -16.42 -0.38 -6.49
N ASP B 347 -17.25 0.50 -5.89
CA ASP B 347 -18.59 0.08 -5.46
C ASP B 347 -19.66 1.02 -6.01
N GLU B 348 -19.75 1.09 -7.34
CA GLU B 348 -20.70 1.99 -7.99
C GLU B 348 -22.13 1.68 -7.57
N GLY B 349 -22.40 0.45 -7.14
CA GLY B 349 -23.78 0.05 -6.94
C GLY B 349 -24.42 0.41 -5.62
N SER B 350 -23.62 0.72 -4.58
CA SER B 350 -24.19 0.71 -3.23
C SER B 350 -25.22 1.83 -3.02
N PHE B 351 -24.96 3.02 -3.55
CA PHE B 351 -25.91 4.12 -3.37
C PHE B 351 -27.30 3.77 -3.90
N PHE B 352 -27.36 3.12 -5.07
CA PHE B 352 -28.66 2.76 -5.63
C PHE B 352 -29.33 1.64 -4.83
N LEU B 353 -28.55 0.77 -4.20
CA LEU B 353 -29.17 -0.27 -3.39
C LEU B 353 -29.71 0.32 -2.09
N LEU B 354 -28.96 1.22 -1.47
CA LEU B 354 -29.43 1.89 -0.26
C LEU B 354 -30.81 2.51 -0.48
N TYR B 355 -31.00 3.20 -1.59
CA TYR B 355 -32.21 3.99 -1.79
C TYR B 355 -33.36 3.19 -2.36
N GLY B 356 -33.11 2.06 -3.02
CA GLY B 356 -34.22 1.40 -3.69
C GLY B 356 -34.37 -0.10 -3.54
N ALA B 357 -33.52 -0.77 -2.76
CA ALA B 357 -33.61 -2.23 -2.68
C ALA B 357 -33.89 -2.69 -1.26
N PRO B 358 -34.66 -3.77 -1.10
CA PRO B 358 -35.02 -4.22 0.26
C PRO B 358 -33.83 -4.80 1.02
N GLY B 359 -33.75 -4.47 2.31
CA GLY B 359 -32.73 -4.98 3.20
C GLY B 359 -31.55 -4.07 3.42
N PHE B 360 -31.42 -3.00 2.66
CA PHE B 360 -30.31 -2.06 2.80
C PHE B 360 -30.69 -0.90 3.71
N SER B 361 -29.74 -0.47 4.54
CA SER B 361 -29.98 0.60 5.50
CA SER B 361 -29.99 0.61 5.48
C SER B 361 -28.70 1.39 5.71
N LYS B 362 -28.84 2.70 5.88
CA LYS B 362 -27.71 3.57 6.18
C LYS B 362 -27.12 3.29 7.55
N ASP B 363 -27.92 2.72 8.46
CA ASP B 363 -27.55 2.58 9.86
C ASP B 363 -27.36 1.13 10.28
N SER B 364 -27.06 0.25 9.32
CA SER B 364 -26.75 -1.14 9.64
C SER B 364 -25.87 -1.69 8.55
N GLU B 365 -25.30 -2.87 8.83
CA GLU B 365 -24.41 -3.54 7.91
C GLU B 365 -25.12 -4.10 6.70
N SER B 366 -26.46 -4.14 6.72
CA SER B 366 -27.28 -4.51 5.57
C SER B 366 -26.90 -5.90 5.04
N LYS B 367 -26.81 -6.88 5.93
CA LYS B 367 -26.71 -8.27 5.50
C LYS B 367 -28.00 -8.69 4.80
N ILE B 368 -27.87 -9.24 3.62
CA ILE B 368 -29.00 -9.45 2.72
C ILE B 368 -29.40 -10.91 2.75
N SER B 369 -30.68 -11.17 3.03
CA SER B 369 -31.21 -12.51 2.98
C SER B 369 -31.31 -12.97 1.53
N ARG B 370 -31.39 -14.29 1.37
CA ARG B 370 -31.61 -14.89 0.06
C ARG B 370 -32.84 -14.32 -0.63
N GLU B 371 -33.96 -14.24 0.10
CA GLU B 371 -35.16 -13.64 -0.47
C GLU B 371 -34.91 -12.20 -0.93
N ASP B 372 -34.21 -11.39 -0.13
CA ASP B 372 -33.98 -10.01 -0.56
C ASP B 372 -32.95 -9.94 -1.68
N PHE B 373 -32.01 -10.88 -1.71
CA PHE B 373 -31.07 -10.94 -2.83
C PHE B 373 -31.81 -11.12 -4.14
N MET B 374 -32.75 -12.08 -4.17
CA MET B 374 -33.49 -12.32 -5.41
C MET B 374 -34.35 -11.12 -5.78
N SER B 375 -34.96 -10.46 -4.79
CA SER B 375 -35.69 -9.23 -5.07
C SER B 375 -34.78 -8.18 -5.70
N GLY B 376 -33.53 -8.09 -5.24
CA GLY B 376 -32.61 -7.11 -5.75
C GLY B 376 -32.17 -7.34 -7.19
N VAL B 377 -31.93 -8.61 -7.60
CA VAL B 377 -31.50 -8.79 -8.99
C VAL B 377 -32.64 -8.48 -9.94
N LYS B 378 -33.87 -8.81 -9.54
CA LYS B 378 -35.03 -8.42 -10.34
C LYS B 378 -35.11 -6.89 -10.48
N LEU B 379 -34.79 -6.15 -9.43
CA LEU B 379 -34.82 -4.69 -9.54
C LEU B 379 -33.62 -4.18 -10.33
N SER B 380 -32.50 -4.90 -10.29
CA SER B 380 -31.28 -4.44 -10.92
C SER B 380 -31.25 -4.71 -12.42
N VAL B 381 -31.90 -5.78 -12.86
CA VAL B 381 -31.98 -6.08 -14.28
C VAL B 381 -33.45 -6.14 -14.66
N PRO B 382 -34.16 -5.01 -14.65
CA PRO B 382 -35.63 -5.06 -14.77
C PRO B 382 -36.12 -5.56 -16.11
N HIS B 383 -35.30 -5.50 -17.14
CA HIS B 383 -35.67 -5.91 -18.49
C HIS B 383 -35.47 -7.39 -18.76
N ALA B 384 -34.94 -8.16 -17.81
CA ALA B 384 -34.59 -9.54 -18.08
C ALA B 384 -35.79 -10.47 -17.91
N ASN B 385 -35.88 -11.48 -18.77
CA ASN B 385 -36.83 -12.56 -18.59
C ASN B 385 -36.35 -13.49 -17.48
N ASP B 386 -37.17 -14.50 -17.15
CA ASP B 386 -36.81 -15.39 -16.04
C ASP B 386 -35.53 -16.15 -16.32
N LEU B 387 -35.29 -16.53 -17.58
CA LEU B 387 -34.02 -17.17 -17.93
C LEU B 387 -32.84 -16.24 -17.64
N GLY B 388 -32.98 -14.96 -17.98
CA GLY B 388 -31.89 -14.02 -17.73
C GLY B 388 -31.65 -13.79 -16.26
N LEU B 389 -32.73 -13.70 -15.48
CA LEU B 389 -32.59 -13.55 -14.03
C LEU B 389 -31.88 -14.76 -13.41
N ASP B 390 -32.21 -15.97 -13.88
CA ASP B 390 -31.48 -17.17 -13.44
C ASP B 390 -29.99 -17.06 -13.76
N ALA B 391 -29.67 -16.55 -14.95
CA ALA B 391 -28.27 -16.42 -15.37
C ALA B 391 -27.52 -15.45 -14.46
N VAL B 392 -28.12 -14.29 -14.16
CA VAL B 392 -27.48 -13.31 -13.28
C VAL B 392 -27.25 -13.93 -11.92
N THR B 393 -28.27 -14.61 -11.40
CA THR B 393 -28.20 -15.20 -10.06
C THR B 393 -27.07 -16.20 -9.95
N LEU B 394 -26.97 -17.10 -10.94
CA LEU B 394 -25.94 -18.13 -10.91
C LEU B 394 -24.55 -17.52 -11.02
N GLN B 395 -24.41 -16.52 -11.88
CA GLN B 395 -23.11 -15.87 -12.04
C GLN B 395 -22.64 -15.21 -10.74
N TYR B 396 -23.54 -14.80 -9.86
CA TYR B 396 -23.14 -14.02 -8.69
C TYR B 396 -23.45 -14.68 -7.36
N THR B 397 -23.79 -15.97 -7.33
CA THR B 397 -24.14 -16.68 -6.11
C THR B 397 -23.10 -17.75 -5.85
N ASP B 398 -22.55 -17.77 -4.64
CA ASP B 398 -21.70 -18.86 -4.16
C ASP B 398 -22.61 -19.94 -3.57
N TRP B 399 -22.88 -21.00 -4.34
CA TRP B 399 -23.81 -22.02 -3.88
C TRP B 399 -23.24 -22.94 -2.80
N MET B 400 -21.97 -22.79 -2.42
CA MET B 400 -21.53 -23.41 -1.18
C MET B 400 -21.96 -22.63 0.06
N ASP B 401 -22.44 -21.41 -0.11
CA ASP B 401 -22.64 -20.52 1.04
C ASP B 401 -23.71 -19.46 0.71
N ASP B 402 -24.86 -19.91 0.21
CA ASP B 402 -25.84 -19.02 -0.39
C ASP B 402 -26.66 -18.23 0.63
N ASN B 403 -26.60 -18.57 1.91
CA ASN B 403 -27.27 -17.79 2.95
C ASN B 403 -26.34 -16.83 3.65
N ASN B 404 -25.15 -16.60 3.10
CA ASN B 404 -24.22 -15.67 3.70
C ASN B 404 -24.69 -14.24 3.39
N GLY B 405 -25.15 -13.54 4.42
CA GLY B 405 -25.73 -12.22 4.20
C GLY B 405 -24.74 -11.18 3.70
N ILE B 406 -23.47 -11.33 4.05
CA ILE B 406 -22.45 -10.44 3.54
C ILE B 406 -22.15 -10.75 2.06
N LYS B 407 -22.00 -12.03 1.71
CA LYS B 407 -21.78 -12.35 0.31
C LYS B 407 -22.96 -11.94 -0.55
N ASN B 408 -24.18 -12.12 -0.05
CA ASN B 408 -25.37 -11.70 -0.78
C ASN B 408 -25.39 -10.18 -0.97
N ARG B 409 -24.98 -9.45 0.06
CA ARG B 409 -24.94 -8.00 -0.02
C ARG B 409 -23.90 -7.54 -1.05
N ASP B 410 -22.68 -8.07 -0.93
CA ASP B 410 -21.61 -7.66 -1.84
C ASP B 410 -21.88 -8.13 -3.26
N GLY B 411 -22.53 -9.28 -3.43
CA GLY B 411 -22.86 -9.75 -4.77
C GLY B 411 -23.84 -8.84 -5.49
N LEU B 412 -24.88 -8.39 -4.78
CA LEU B 412 -25.83 -7.45 -5.36
C LEU B 412 -25.17 -6.11 -5.67
N ASP B 413 -24.29 -5.65 -4.78
CA ASP B 413 -23.49 -4.46 -5.05
C ASP B 413 -22.75 -4.61 -6.37
N ASP B 414 -22.09 -5.76 -6.57
CA ASP B 414 -21.33 -5.99 -7.81
C ASP B 414 -22.26 -6.02 -9.02
N ILE B 415 -23.41 -6.68 -8.90
CA ILE B 415 -24.36 -6.74 -10.01
C ILE B 415 -24.71 -5.33 -10.48
N VAL B 416 -25.09 -4.46 -9.55
CA VAL B 416 -25.53 -3.11 -9.92
C VAL B 416 -24.40 -2.34 -10.60
N GLY B 417 -23.22 -2.32 -9.98
CA GLY B 417 -22.11 -1.55 -10.54
C GLY B 417 -21.57 -2.13 -11.83
N ASP B 418 -21.51 -3.47 -11.92
CA ASP B 418 -21.02 -4.13 -13.13
C ASP B 418 -21.96 -3.89 -14.30
N HIS B 419 -23.25 -4.13 -14.10
CA HIS B 419 -24.25 -3.95 -15.16
C HIS B 419 -24.37 -2.50 -15.59
N ASN B 420 -24.40 -1.56 -14.65
CA ASN B 420 -24.75 -0.18 -14.98
C ASN B 420 -23.57 0.72 -15.30
N VAL B 421 -22.39 0.45 -14.74
CA VAL B 421 -21.29 1.39 -14.93
C VAL B 421 -20.06 0.68 -15.51
N ILE B 422 -19.56 -0.34 -14.80
CA ILE B 422 -18.25 -0.89 -15.14
C ILE B 422 -18.25 -1.57 -16.50
N CYS B 423 -19.18 -2.50 -16.74
CA CYS B 423 -19.06 -3.23 -17.99
C CYS B 423 -19.50 -2.44 -19.22
N PRO B 424 -20.49 -1.54 -19.12
CA PRO B 424 -20.71 -0.61 -20.26
C PRO B 424 -19.48 0.22 -20.57
N LEU B 425 -18.81 0.74 -19.55
CA LEU B 425 -17.60 1.53 -19.77
C LEU B 425 -16.50 0.69 -20.41
N MET B 426 -16.35 -0.57 -19.97
CA MET B 426 -15.32 -1.42 -20.57
C MET B 426 -15.65 -1.74 -22.02
N HIS B 427 -16.94 -1.85 -22.35
CA HIS B 427 -17.30 -2.03 -23.75
C HIS B 427 -16.93 -0.81 -24.57
N PHE B 428 -17.22 0.37 -24.02
CA PHE B 428 -16.83 1.63 -24.66
C PHE B 428 -15.32 1.72 -24.81
N VAL B 429 -14.58 1.42 -23.74
CA VAL B 429 -13.13 1.52 -23.74
C VAL B 429 -12.53 0.70 -24.87
N ASN B 430 -13.01 -0.53 -25.03
CA ASN B 430 -12.42 -1.45 -26.02
C ASN B 430 -12.80 -1.05 -27.44
N LYS B 431 -14.05 -0.67 -27.67
CA LYS B 431 -14.44 -0.18 -28.99
C LYS B 431 -13.70 1.08 -29.35
N TYR B 432 -13.61 2.04 -28.42
CA TYR B 432 -13.01 3.33 -28.73
C TYR B 432 -11.53 3.17 -29.05
N THR B 433 -10.82 2.36 -28.26
CA THR B 433 -9.38 2.21 -28.40
C THR B 433 -8.98 1.68 -29.79
N LYS B 434 -9.90 1.01 -30.49
CA LYS B 434 -9.59 0.49 -31.81
C LYS B 434 -9.32 1.62 -32.80
N PHE B 435 -9.90 2.79 -32.57
CA PHE B 435 -9.82 3.91 -33.49
C PHE B 435 -9.18 5.17 -32.89
N GLY B 436 -9.21 5.32 -31.57
CA GLY B 436 -8.75 6.55 -30.93
C GLY B 436 -7.24 6.73 -30.98
N ASN B 437 -6.79 7.81 -30.34
CA ASN B 437 -5.39 8.23 -30.36
C ASN B 437 -4.77 8.14 -28.96
N GLY B 438 -5.37 7.37 -28.06
CA GLY B 438 -4.79 7.17 -26.74
C GLY B 438 -5.80 7.05 -25.62
N THR B 439 -5.80 5.94 -24.89
CA THR B 439 -6.75 5.66 -23.83
C THR B 439 -6.01 5.43 -22.51
N TYR B 440 -6.50 6.03 -21.44
CA TYR B 440 -5.97 5.86 -20.10
C TYR B 440 -7.13 5.49 -19.18
N LEU B 441 -7.01 4.37 -18.49
CA LEU B 441 -8.10 3.78 -17.71
C LEU B 441 -7.70 3.66 -16.26
N TYR B 442 -8.61 4.03 -15.33
CA TYR B 442 -8.33 3.96 -13.90
C TYR B 442 -9.43 3.19 -13.16
N PHE B 443 -9.07 2.74 -11.96
CA PHE B 443 -9.98 2.05 -11.03
C PHE B 443 -9.81 2.73 -9.67
N PHE B 444 -10.76 3.58 -9.29
CA PHE B 444 -10.66 4.34 -8.05
C PHE B 444 -11.24 3.50 -6.92
N ASN B 445 -10.42 3.17 -5.92
CA ASN B 445 -10.89 2.29 -4.85
C ASN B 445 -10.39 2.76 -3.50
N HIS B 446 -10.30 4.08 -3.30
CA HIS B 446 -9.97 4.62 -1.99
C HIS B 446 -11.25 5.03 -1.27
N ARG B 447 -11.48 4.45 -0.10
CA ARG B 447 -12.58 4.88 0.76
C ARG B 447 -12.07 5.99 1.65
N ALA B 448 -12.71 7.16 1.57
CA ALA B 448 -12.23 8.36 2.27
C ALA B 448 -12.30 8.18 3.78
N SER B 449 -11.30 8.74 4.47
CA SER B 449 -11.21 8.58 5.92
C SER B 449 -12.36 9.24 6.66
N ASN B 450 -12.95 10.30 6.09
CA ASN B 450 -14.00 11.05 6.74
C ASN B 450 -15.38 10.79 6.15
N LEU B 451 -15.57 9.65 5.48
CA LEU B 451 -16.84 9.34 4.83
C LEU B 451 -17.95 9.26 5.88
N VAL B 452 -19.11 9.83 5.56
CA VAL B 452 -20.24 9.79 6.49
C VAL B 452 -21.17 8.64 6.19
N TRP B 453 -20.94 7.92 5.13
CA TRP B 453 -21.75 6.78 4.76
C TRP B 453 -21.16 5.50 5.36
N PRO B 454 -22.00 4.50 5.65
CA PRO B 454 -21.51 3.29 6.33
C PRO B 454 -20.52 2.48 5.49
N GLU B 455 -19.79 1.61 6.20
CA GLU B 455 -18.67 0.92 5.58
C GLU B 455 -19.09 -0.07 4.51
N TRP B 456 -20.31 -0.61 4.60
CA TRP B 456 -20.69 -1.62 3.61
C TRP B 456 -20.80 -1.02 2.21
N MET B 457 -20.99 0.29 2.12
CA MET B 457 -21.14 0.95 0.84
C MET B 457 -19.81 1.16 0.13
N GLY B 458 -18.69 0.97 0.82
CA GLY B 458 -17.41 0.94 0.14
C GLY B 458 -17.08 2.28 -0.52
N VAL B 459 -16.67 2.22 -1.78
CA VAL B 459 -16.20 3.36 -2.55
C VAL B 459 -17.34 3.75 -3.48
N ILE B 460 -18.03 4.81 -3.12
CA ILE B 460 -19.38 5.13 -3.57
C ILE B 460 -19.38 5.90 -4.89
N HIS B 461 -20.46 5.69 -5.66
CA HIS B 461 -20.78 6.46 -6.85
C HIS B 461 -20.79 7.96 -6.54
N GLY B 462 -19.82 8.70 -7.09
CA GLY B 462 -19.73 10.14 -6.91
C GLY B 462 -18.61 10.58 -5.99
N TYR B 463 -18.00 9.68 -5.23
CA TYR B 463 -17.12 10.08 -4.14
C TYR B 463 -15.65 10.12 -4.56
N GLU B 464 -15.37 9.93 -5.83
CA GLU B 464 -14.08 10.37 -6.36
C GLU B 464 -14.07 11.84 -6.76
N ILE B 465 -15.24 12.48 -6.87
CA ILE B 465 -15.28 13.86 -7.38
C ILE B 465 -14.51 14.81 -6.46
N GLU B 466 -14.71 14.66 -5.14
CA GLU B 466 -14.04 15.54 -4.18
C GLU B 466 -12.52 15.46 -4.30
N PHE B 467 -11.97 14.31 -4.70
CA PHE B 467 -10.53 14.21 -4.93
C PHE B 467 -10.13 14.90 -6.22
N VAL B 468 -10.95 14.76 -7.27
CA VAL B 468 -10.71 15.43 -8.53
C VAL B 468 -10.70 16.95 -8.36
N PHE B 469 -11.53 17.47 -7.45
CA PHE B 469 -11.68 18.91 -7.27
C PHE B 469 -10.85 19.47 -6.13
N GLY B 470 -10.02 18.63 -5.49
CA GLY B 470 -9.03 19.10 -4.55
C GLY B 470 -9.54 19.45 -3.18
N LEU B 471 -10.74 19.02 -2.82
CA LEU B 471 -11.22 19.27 -1.46
C LEU B 471 -10.27 18.80 -0.36
N PRO B 472 -9.58 17.65 -0.48
CA PRO B 472 -8.65 17.25 0.58
C PRO B 472 -7.56 18.28 0.88
N LEU B 473 -7.34 19.26 0.02
CA LEU B 473 -6.36 20.31 0.30
C LEU B 473 -6.86 21.30 1.32
N VAL B 474 -8.15 21.25 1.67
CA VAL B 474 -8.75 22.15 2.65
C VAL B 474 -8.64 21.49 4.02
N LYS B 475 -7.72 21.99 4.85
CA LYS B 475 -7.42 21.34 6.12
C LYS B 475 -8.65 21.22 7.01
N GLU B 476 -9.56 22.18 6.92
CA GLU B 476 -10.76 22.15 7.76
C GLU B 476 -11.62 20.92 7.46
N LEU B 477 -11.53 20.37 6.25
CA LEU B 477 -12.35 19.22 5.90
C LEU B 477 -11.86 17.91 6.50
N ASN B 478 -10.68 17.90 7.15
CA ASN B 478 -10.22 16.75 7.93
C ASN B 478 -9.94 15.50 7.08
N TYR B 479 -9.32 15.68 5.91
CA TYR B 479 -8.75 14.54 5.22
C TYR B 479 -7.34 14.26 5.74
N THR B 480 -6.86 13.04 5.52
CA THR B 480 -5.50 12.73 5.95
C THR B 480 -4.48 13.37 5.01
N ALA B 481 -3.23 13.43 5.47
CA ALA B 481 -2.16 13.91 4.61
C ALA B 481 -2.02 13.04 3.36
N GLU B 482 -2.25 11.73 3.48
CA GLU B 482 -2.11 10.88 2.30
C GLU B 482 -3.27 11.10 1.34
N GLU B 483 -4.44 11.49 1.85
CA GLU B 483 -5.53 11.85 0.96
C GLU B 483 -5.27 13.18 0.25
N GLU B 484 -4.63 14.15 0.92
CA GLU B 484 -4.22 15.36 0.20
C GLU B 484 -3.23 15.02 -0.91
N ALA B 485 -2.28 14.13 -0.63
CA ALA B 485 -1.33 13.74 -1.67
C ALA B 485 -2.05 13.07 -2.83
N LEU B 486 -3.02 12.20 -2.52
CA LEU B 486 -3.79 11.52 -3.56
C LEU B 486 -4.57 12.51 -4.41
N SER B 487 -5.20 13.51 -3.77
CA SER B 487 -5.91 14.53 -4.52
C SER B 487 -4.96 15.32 -5.42
N ARG B 488 -3.77 15.65 -4.92
CA ARG B 488 -2.82 16.39 -5.75
C ARG B 488 -2.33 15.56 -6.94
N ARG B 489 -2.13 14.25 -6.75
CA ARG B 489 -1.73 13.40 -7.87
C ARG B 489 -2.82 13.35 -8.94
N ILE B 490 -4.08 13.21 -8.50
CA ILE B 490 -5.20 13.07 -9.43
C ILE B 490 -5.44 14.37 -10.20
N MET B 491 -5.42 15.51 -9.49
CA MET B 491 -5.56 16.80 -10.16
C MET B 491 -4.46 16.99 -11.19
N HIS B 492 -3.24 16.57 -10.86
CA HIS B 492 -2.14 16.72 -11.81
C HIS B 492 -2.29 15.79 -13.01
N TYR B 493 -2.73 14.54 -12.80
CA TYR B 493 -3.03 13.64 -13.93
C TYR B 493 -4.09 14.25 -14.85
N TRP B 494 -5.19 14.74 -14.25
CA TRP B 494 -6.31 15.28 -15.03
C TRP B 494 -5.88 16.51 -15.82
N ALA B 495 -5.14 17.42 -15.18
CA ALA B 495 -4.76 18.66 -15.86
C ALA B 495 -3.63 18.43 -16.85
N THR B 496 -2.66 17.57 -16.50
CA THR B 496 -1.61 17.23 -17.46
C THR B 496 -2.19 16.52 -18.67
N PHE B 497 -3.16 15.63 -18.45
CA PHE B 497 -3.87 15.02 -19.58
C PHE B 497 -4.59 16.09 -20.40
N ALA B 498 -5.33 16.98 -19.74
CA ALA B 498 -6.00 18.06 -20.47
C ALA B 498 -5.01 18.86 -21.29
N LYS B 499 -3.84 19.17 -20.69
CA LYS B 499 -2.81 19.97 -21.36
C LYS B 499 -2.23 19.27 -22.59
N THR B 500 -1.94 17.97 -22.48
CA THR B 500 -1.09 17.29 -23.45
C THR B 500 -1.67 16.02 -24.05
N GLY B 501 -2.77 15.48 -23.51
CA GLY B 501 -3.26 14.20 -23.96
C GLY B 501 -2.60 13.02 -23.29
N ASN B 502 -1.85 13.24 -22.22
CA ASN B 502 -1.10 12.21 -21.52
C ASN B 502 -1.02 12.63 -20.06
N PRO B 503 -1.55 11.81 -19.13
CA PRO B 503 -1.52 12.21 -17.72
C PRO B 503 -0.12 12.27 -17.14
N ASN B 504 0.85 11.63 -17.81
CA ASN B 504 2.22 11.58 -17.33
C ASN B 504 3.02 12.75 -17.86
N GLU B 505 3.97 13.21 -17.05
CA GLU B 505 5.00 14.17 -17.42
C GLU B 505 6.21 13.35 -17.81
N PRO B 506 6.43 13.09 -19.10
CA PRO B 506 7.72 12.51 -19.56
C PRO B 506 8.95 13.21 -18.96
N HIS B 507 10.07 12.48 -18.93
CA HIS B 507 11.31 12.95 -18.31
C HIS B 507 11.21 13.01 -16.78
N SER B 508 10.01 12.82 -16.22
CA SER B 508 9.89 12.81 -14.77
C SER B 508 10.17 11.41 -14.23
N GLN B 509 10.34 11.34 -12.91
CA GLN B 509 10.74 10.10 -12.27
C GLN B 509 9.59 9.38 -11.60
N GLU B 510 8.36 9.86 -11.77
CA GLU B 510 7.21 9.23 -11.15
C GLU B 510 6.81 7.98 -11.91
N SER B 511 6.11 7.09 -11.22
CA SER B 511 5.56 5.91 -11.88
C SER B 511 4.65 6.33 -13.02
N LYS B 512 4.76 5.66 -14.15
CA LYS B 512 4.04 6.04 -15.35
C LYS B 512 2.74 5.24 -15.46
N TRP B 513 1.65 5.96 -15.65
CA TRP B 513 0.33 5.40 -15.98
C TRP B 513 0.37 4.98 -17.44
N PRO B 514 0.25 3.69 -17.76
CA PRO B 514 0.41 3.27 -19.16
C PRO B 514 -0.87 3.40 -19.96
N LEU B 515 -0.67 3.58 -21.27
CA LEU B 515 -1.74 3.51 -22.25
C LEU B 515 -2.49 2.19 -22.13
N PHE B 516 -3.83 2.27 -22.19
CA PHE B 516 -4.65 1.10 -22.46
C PHE B 516 -4.53 0.71 -23.93
N THR B 517 -4.17 -0.54 -24.21
CA THR B 517 -4.08 -1.01 -25.60
C THR B 517 -5.05 -2.16 -25.82
N THR B 518 -5.42 -2.37 -27.09
CA THR B 518 -6.30 -3.49 -27.40
C THR B 518 -5.73 -4.83 -26.90
N LYS B 519 -4.42 -5.02 -27.03
CA LYS B 519 -3.83 -6.30 -26.64
C LYS B 519 -3.64 -6.42 -25.13
N GLU B 520 -3.00 -5.44 -24.50
CA GLU B 520 -2.60 -5.60 -23.10
C GLU B 520 -3.64 -5.09 -22.10
N GLN B 521 -4.48 -4.13 -22.48
CA GLN B 521 -5.64 -3.69 -21.70
C GLN B 521 -5.29 -3.26 -20.27
N LYS B 522 -4.21 -2.49 -20.14
CA LYS B 522 -3.72 -2.10 -18.82
C LYS B 522 -4.51 -0.92 -18.24
N PHE B 523 -4.59 -0.91 -16.91
CA PHE B 523 -5.20 0.16 -16.14
C PHE B 523 -4.47 0.25 -14.79
N ILE B 524 -4.66 1.37 -14.09
CA ILE B 524 -4.07 1.56 -12.77
C ILE B 524 -5.16 1.68 -11.72
N ASP B 525 -4.82 1.30 -10.48
CA ASP B 525 -5.61 1.70 -9.33
C ASP B 525 -5.30 3.15 -8.98
N LEU B 526 -6.32 3.86 -8.51
CA LEU B 526 -6.13 5.16 -7.87
C LEU B 526 -6.47 5.01 -6.40
N ASN B 527 -5.45 5.14 -5.54
CA ASN B 527 -5.63 5.09 -4.09
C ASN B 527 -4.36 5.66 -3.47
N THR B 528 -4.22 5.52 -2.16
CA THR B 528 -3.11 6.14 -1.45
C THR B 528 -1.82 5.34 -1.49
N GLU B 529 -1.84 4.14 -2.06
CA GLU B 529 -0.65 3.30 -2.16
C GLU B 529 0.13 3.60 -3.44
N PRO B 530 1.39 3.19 -3.51
CA PRO B 530 2.14 3.27 -4.77
C PRO B 530 1.37 2.61 -5.90
N MET B 531 1.66 3.07 -7.12
CA MET B 531 0.88 2.69 -8.28
C MET B 531 1.02 1.21 -8.59
N LYS B 532 -0.12 0.55 -8.83
CA LYS B 532 -0.16 -0.81 -9.35
C LYS B 532 -0.77 -0.78 -10.75
N VAL B 533 -0.17 -1.51 -11.67
CA VAL B 533 -0.71 -1.71 -13.00
C VAL B 533 -1.39 -3.08 -13.02
N HIS B 534 -2.61 -3.14 -13.56
CA HIS B 534 -3.32 -4.40 -13.76
C HIS B 534 -3.75 -4.48 -15.22
N GLN B 535 -4.37 -5.59 -15.59
CA GLN B 535 -4.91 -5.81 -16.93
C GLN B 535 -6.32 -6.38 -16.83
N ARG B 536 -7.14 -6.10 -17.86
CA ARG B 536 -8.46 -6.71 -18.05
C ARG B 536 -9.38 -6.48 -16.85
N LEU B 537 -9.71 -5.21 -16.64
CA LEU B 537 -10.62 -4.81 -15.56
C LEU B 537 -11.94 -5.58 -15.60
N ARG B 538 -12.19 -6.34 -14.53
CA ARG B 538 -13.41 -7.14 -14.33
C ARG B 538 -13.84 -7.87 -15.60
N VAL B 539 -12.86 -8.49 -16.26
CA VAL B 539 -13.09 -9.09 -17.57
C VAL B 539 -14.09 -10.24 -17.46
N GLN B 540 -14.05 -11.00 -16.36
CA GLN B 540 -14.90 -12.19 -16.28
C GLN B 540 -16.37 -11.82 -16.23
N MET B 541 -16.74 -10.90 -15.32
CA MET B 541 -18.13 -10.46 -15.26
C MET B 541 -18.52 -9.70 -16.52
N CYS B 542 -17.60 -8.93 -17.10
CA CYS B 542 -18.01 -8.12 -18.25
C CYS B 542 -18.20 -8.96 -19.51
N VAL B 543 -17.49 -10.09 -19.66
CA VAL B 543 -17.88 -11.06 -20.69
C VAL B 543 -19.34 -11.49 -20.50
N PHE B 544 -19.72 -11.79 -19.25
CA PHE B 544 -21.12 -12.14 -18.99
C PHE B 544 -22.07 -11.02 -19.40
N TRP B 545 -21.79 -9.79 -18.96
CA TRP B 545 -22.72 -8.68 -19.21
C TRP B 545 -22.67 -8.22 -20.68
N ASN B 546 -21.49 -8.24 -21.31
CA ASN B 546 -21.41 -7.65 -22.64
C ASN B 546 -21.58 -8.65 -23.77
N GLN B 547 -21.30 -9.93 -23.55
CA GLN B 547 -21.48 -10.90 -24.61
C GLN B 547 -22.57 -11.92 -24.33
N PHE B 548 -22.50 -12.61 -23.19
CA PHE B 548 -23.40 -13.73 -23.00
C PHE B 548 -24.83 -13.29 -22.68
N LEU B 549 -25.02 -12.45 -21.64
CA LEU B 549 -26.40 -12.10 -21.27
C LEU B 549 -27.17 -11.48 -22.42
N PRO B 550 -26.64 -10.53 -23.22
CA PRO B 550 -27.43 -9.99 -24.32
C PRO B 550 -27.79 -11.03 -25.37
N LYS B 551 -26.90 -12.01 -25.62
CA LYS B 551 -27.26 -13.06 -26.55
C LYS B 551 -28.37 -13.94 -25.99
N LEU B 552 -28.36 -14.20 -24.68
CA LEU B 552 -29.45 -14.95 -24.05
C LEU B 552 -30.78 -14.18 -24.15
N LEU B 553 -30.74 -12.87 -23.90
CA LEU B 553 -31.99 -12.12 -23.95
C LEU B 553 -32.48 -11.93 -25.37
N ASN B 554 -31.56 -11.94 -26.34
CA ASN B 554 -31.94 -11.83 -27.75
C ASN B 554 -32.48 -13.14 -28.30
N ALA B 555 -32.05 -14.26 -27.76
CA ALA B 555 -32.60 -15.54 -28.18
C ALA B 555 -33.96 -15.78 -27.56
N THR B 556 -34.10 -15.40 -26.30
CA THR B 556 -35.35 -15.55 -25.56
C THR B 556 -36.02 -14.18 -25.37
#